data_8FBW
#
_entry.id   8FBW
#
_cell.length_a   130.650
_cell.length_b   130.650
_cell.length_c   216.948
_cell.angle_alpha   90.00
_cell.angle_beta   90.00
_cell.angle_gamma   120.00
#
_symmetry.space_group_name_H-M   'P 61 2 2'
#
loop_
_entity.id
_entity.type
_entity.pdbx_description
1 polymer 'Heavy chain of anti-SIV V2 antibody NCI05'
2 polymer 'Light chain of anti-SIV V2 antibody NCI05'
3 polymer 'SIV V2 peptide'
4 branched beta-D-mannopyranose-(1-4)-2-acetamido-2-deoxy-beta-D-glucopyranose-(1-4)-[alpha-L-fucopyranose-(1-6)]2-acetamido-2-deoxy-beta-D-glucopyranose
5 branched 2-acetamido-2-deoxy-beta-D-glucopyranose-(1-4)-2-acetamido-2-deoxy-beta-D-glucopyranose
6 non-polymer 'CITRIC ACID'
7 non-polymer DI(HYDROXYETHYL)ETHER
8 non-polymer 'PHOSPHATE ION'
9 water water
#
loop_
_entity_poly.entity_id
_entity_poly.type
_entity_poly.pdbx_seq_one_letter_code
_entity_poly.pdbx_strand_id
1 'polypeptide(L)'
;EVQLVESGGGLAKPGGSLRLSCAASGFTFSRYAIHWVRQAPGKGLEWVSVISSGGSTYYADSVEGRFTISRDNSKNTLSL
QMNSLRTEDTAVYYCAKDATPYYYSGGYWYVGNYSFDYWGQGVLVTVSSASTKGPSVFPLAPSSRSTSESTAALGCLVKD
YFPEPVTVSWNSGSLTSGVHTFPAVLQSSGLYSLSSVVTVPSSSLGTQTYVCNVNHKPSNTKVDKRVEIKT
;
C,A
2 'polypeptide(L)'
;QSVLTQPPSASGAPGQSVTISCSGSSSNIGSNYVYWYQQLSGKAPKLLIYNNNQRPSGVPDRFSGSKSGTSASLAISGLQ
SKDEADYYCSAWDSSLNDPLFGGGTRLTVLGQPKAAPSVTLFPPSSEELQANKATLVCLISDFYPGAVEVAWKADGSAVN
AGVETTKPSKQSNNKYAASSYLSLTSDQWKSHKSYSCQVTHEGSTVEKTVAPAECS
;
D,B
3 'polypeptide(L)' LKSDKKIEYNETWYSRD E,F
#
# COMPACT_ATOMS: atom_id res chain seq x y z
N GLU A 1 -17.41 15.21 4.59
CA GLU A 1 -17.03 13.91 4.07
C GLU A 1 -18.00 12.82 4.55
N VAL A 2 -18.55 12.07 3.60
CA VAL A 2 -19.46 10.99 3.96
C VAL A 2 -18.67 9.82 4.54
N GLN A 3 -19.12 9.31 5.68
CA GLN A 3 -18.51 8.13 6.28
C GLN A 3 -19.60 7.15 6.71
N LEU A 4 -19.34 5.88 6.46
CA LEU A 4 -20.15 4.77 6.95
C LEU A 4 -19.16 3.80 7.61
N VAL A 5 -19.10 3.82 8.93
CA VAL A 5 -18.12 3.05 9.69
C VAL A 5 -18.82 1.83 10.26
N GLU A 6 -18.41 0.64 9.83
CA GLU A 6 -19.06 -0.58 10.24
C GLU A 6 -18.35 -1.20 11.44
N SER A 7 -19.11 -1.98 12.20
CA SER A 7 -18.57 -2.72 13.34
C SER A 7 -19.39 -4.00 13.49
N GLY A 8 -18.90 -4.89 14.34
CA GLY A 8 -19.54 -6.17 14.54
C GLY A 8 -18.99 -7.23 13.61
N GLY A 9 -19.79 -8.25 13.37
CA GLY A 9 -19.41 -9.35 12.51
C GLY A 9 -18.62 -10.42 13.24
N GLY A 10 -17.74 -11.12 12.53
CA GLY A 10 -16.95 -12.16 13.16
C GLY A 10 -17.41 -13.56 12.80
N LEU A 11 -17.21 -14.51 13.71
CA LEU A 11 -17.46 -15.92 13.46
C LEU A 11 -18.66 -16.40 14.25
N ALA A 12 -19.47 -17.25 13.62
CA ALA A 12 -20.60 -17.89 14.27
C ALA A 12 -20.73 -19.32 13.78
N LYS A 13 -21.44 -20.13 14.57
CA LYS A 13 -21.78 -21.49 14.20
C LYS A 13 -23.06 -21.49 13.37
N PRO A 14 -23.27 -22.52 12.54
CA PRO A 14 -24.57 -22.67 11.86
C PRO A 14 -25.70 -22.68 12.89
N GLY A 15 -26.69 -21.82 12.66
CA GLY A 15 -27.76 -21.61 13.62
C GLY A 15 -27.52 -20.49 14.59
N GLY A 16 -26.29 -19.98 14.69
CA GLY A 16 -25.97 -18.90 15.61
C GLY A 16 -26.39 -17.54 15.09
N SER A 17 -25.93 -16.51 15.80
CA SER A 17 -26.35 -15.14 15.53
C SER A 17 -25.15 -14.20 15.59
N LEU A 18 -25.24 -13.11 14.83
CA LEU A 18 -24.26 -12.04 14.86
C LEU A 18 -24.98 -10.72 14.58
N ARG A 19 -24.42 -9.63 15.10
CA ARG A 19 -24.98 -8.30 14.88
C ARG A 19 -23.96 -7.43 14.16
N LEU A 20 -24.38 -6.82 13.05
CA LEU A 20 -23.58 -5.81 12.38
C LEU A 20 -24.14 -4.43 12.69
N SER A 21 -23.26 -3.44 12.69
CA SER A 21 -23.68 -2.06 12.91
C SER A 21 -22.95 -1.14 11.93
N CYS A 22 -23.61 -0.02 11.62
CA CYS A 22 -23.08 0.96 10.68
C CYS A 22 -23.38 2.34 11.24
N ALA A 23 -22.35 3.15 11.39
CA ALA A 23 -22.45 4.51 11.90
C ALA A 23 -22.26 5.47 10.73
N ALA A 24 -23.25 6.33 10.49
CA ALA A 24 -23.27 7.20 9.33
C ALA A 24 -23.00 8.65 9.74
N SER A 25 -22.21 9.35 8.92
CA SER A 25 -21.97 10.77 9.13
C SER A 25 -21.68 11.41 7.78
N GLY A 26 -21.78 12.73 7.74
CA GLY A 26 -21.46 13.49 6.55
C GLY A 26 -22.61 13.69 5.58
N PHE A 27 -23.82 13.33 5.95
CA PHE A 27 -24.99 13.57 5.11
C PHE A 27 -26.22 13.53 5.99
N THR A 28 -27.36 13.92 5.41
CA THR A 28 -28.63 13.95 6.13
C THR A 28 -29.15 12.52 6.20
N PHE A 29 -28.92 11.88 7.34
CA PHE A 29 -29.25 10.46 7.50
C PHE A 29 -30.73 10.20 7.22
N SER A 30 -31.62 11.04 7.77
CA SER A 30 -33.04 10.79 7.69
C SER A 30 -33.62 10.98 6.30
N ARG A 31 -32.83 11.42 5.32
CA ARG A 31 -33.35 11.60 3.97
C ARG A 31 -33.12 10.39 3.07
N TYR A 32 -32.35 9.39 3.52
CA TYR A 32 -31.92 8.30 2.66
C TYR A 32 -32.24 6.95 3.29
N ALA A 33 -32.66 6.00 2.45
CA ALA A 33 -32.67 4.61 2.85
C ALA A 33 -31.25 4.08 2.91
N ILE A 34 -31.02 3.10 3.79
CA ILE A 34 -29.71 2.48 3.93
C ILE A 34 -29.86 0.98 3.71
N HIS A 35 -28.95 0.42 2.92
CA HIS A 35 -28.98 -0.99 2.54
C HIS A 35 -27.79 -1.74 3.12
N TRP A 36 -27.91 -3.06 3.10
CA TRP A 36 -26.81 -3.98 3.32
C TRP A 36 -26.64 -4.82 2.06
N VAL A 37 -25.42 -4.87 1.54
CA VAL A 37 -25.02 -5.64 0.38
C VAL A 37 -23.84 -6.51 0.76
N ARG A 38 -23.86 -7.78 0.39
CA ARG A 38 -22.81 -8.70 0.79
C ARG A 38 -22.11 -9.30 -0.42
N GLN A 39 -20.95 -9.90 -0.15
CA GLN A 39 -20.09 -10.44 -1.21
C GLN A 39 -19.33 -11.62 -0.62
N ALA A 40 -19.60 -12.82 -1.12
CA ALA A 40 -18.87 -13.99 -0.68
C ALA A 40 -17.44 -13.94 -1.21
N PRO A 41 -16.48 -14.58 -0.53
CA PRO A 41 -15.08 -14.56 -0.98
C PRO A 41 -14.92 -14.95 -2.44
N GLY A 42 -14.31 -14.06 -3.22
CA GLY A 42 -14.11 -14.33 -4.64
C GLY A 42 -15.37 -14.44 -5.45
N LYS A 43 -16.50 -13.95 -4.94
CA LYS A 43 -17.78 -14.03 -5.61
C LYS A 43 -18.30 -12.62 -5.89
N GLY A 44 -19.55 -12.54 -6.37
CA GLY A 44 -20.15 -11.28 -6.75
C GLY A 44 -20.99 -10.66 -5.64
N LEU A 45 -21.56 -9.50 -5.96
CA LEU A 45 -22.36 -8.74 -5.02
C LEU A 45 -23.80 -9.25 -5.00
N GLU A 46 -24.41 -9.21 -3.81
CA GLU A 46 -25.80 -9.61 -3.63
C GLU A 46 -26.43 -8.67 -2.63
N TRP A 47 -27.55 -8.05 -3.03
CA TRP A 47 -28.29 -7.19 -2.12
C TRP A 47 -28.91 -8.02 -1.01
N VAL A 48 -28.78 -7.55 0.22
CA VAL A 48 -29.22 -8.28 1.40
C VAL A 48 -30.48 -7.66 1.99
N SER A 49 -30.44 -6.37 2.31
CA SER A 49 -31.58 -5.79 3.02
C SER A 49 -31.58 -4.28 2.84
N VAL A 50 -32.72 -3.67 3.19
CA VAL A 50 -32.86 -2.22 3.17
C VAL A 50 -33.78 -1.80 4.31
N ILE A 51 -33.47 -0.63 4.89
CA ILE A 51 -34.37 0.06 5.80
C ILE A 51 -34.52 1.50 5.35
N SER A 52 -35.76 1.96 5.26
CA SER A 52 -36.09 3.29 4.80
C SER A 52 -36.07 4.29 5.95
N SER A 53 -36.19 5.57 5.61
CA SER A 53 -36.23 6.61 6.63
C SER A 53 -37.40 6.41 7.60
N GLY A 54 -38.55 6.02 7.07
CA GLY A 54 -39.73 5.77 7.88
C GLY A 54 -39.79 4.42 8.56
N GLY A 55 -38.73 3.62 8.46
CA GLY A 55 -38.69 2.33 9.11
C GLY A 55 -39.19 1.17 8.29
N SER A 56 -39.48 1.37 7.00
CA SER A 56 -39.87 0.24 6.16
C SER A 56 -38.67 -0.66 5.93
N THR A 57 -38.87 -1.96 6.05
CA THR A 57 -37.80 -2.94 5.94
C THR A 57 -38.11 -3.93 4.84
N TYR A 58 -37.09 -4.24 4.03
CA TYR A 58 -37.21 -5.27 3.01
C TYR A 58 -35.95 -6.13 3.00
N TYR A 59 -36.11 -7.39 2.60
CA TYR A 59 -35.04 -8.37 2.67
C TYR A 59 -35.01 -9.22 1.41
N ALA A 60 -33.82 -9.72 1.09
CA ALA A 60 -33.70 -10.72 0.03
C ALA A 60 -34.37 -12.02 0.45
N ASP A 61 -34.75 -12.82 -0.55
CA ASP A 61 -35.49 -14.04 -0.27
C ASP A 61 -34.69 -15.00 0.61
N SER A 62 -33.38 -15.07 0.41
CA SER A 62 -32.57 -16.04 1.14
C SER A 62 -32.43 -15.72 2.62
N VAL A 63 -32.65 -14.46 3.02
CA VAL A 63 -32.45 -14.06 4.41
C VAL A 63 -33.74 -13.62 5.08
N GLU A 64 -34.86 -13.55 4.35
CA GLU A 64 -36.11 -13.13 4.95
C GLU A 64 -36.49 -14.05 6.11
N GLY A 65 -36.90 -13.44 7.22
CA GLY A 65 -37.23 -14.14 8.43
C GLY A 65 -36.05 -14.40 9.35
N ARG A 66 -34.84 -14.50 8.79
CA ARG A 66 -33.65 -14.74 9.60
C ARG A 66 -32.91 -13.46 9.96
N PHE A 67 -33.07 -12.40 9.18
CA PHE A 67 -32.36 -11.14 9.38
C PHE A 67 -33.36 -10.06 9.77
N THR A 68 -32.94 -9.16 10.67
CA THR A 68 -33.76 -8.05 11.13
C THR A 68 -32.93 -6.78 11.05
N ILE A 69 -33.32 -5.86 10.18
CA ILE A 69 -32.64 -4.58 10.03
C ILE A 69 -33.39 -3.54 10.85
N SER A 70 -32.65 -2.58 11.40
CA SER A 70 -33.24 -1.51 12.18
C SER A 70 -32.34 -0.28 12.11
N ARG A 71 -32.91 0.89 12.41
CA ARG A 71 -32.15 2.13 12.36
C ARG A 71 -32.60 3.06 13.46
N ASP A 72 -31.73 4.02 13.78
CA ASP A 72 -31.99 5.07 14.76
C ASP A 72 -31.58 6.39 14.11
N ASN A 73 -32.57 7.20 13.75
CA ASN A 73 -32.34 8.46 13.06
C ASN A 73 -31.82 9.54 13.99
N SER A 74 -32.12 9.44 15.29
CA SER A 74 -31.57 10.39 16.24
C SER A 74 -30.11 10.10 16.55
N LYS A 75 -29.70 8.83 16.47
CA LYS A 75 -28.32 8.43 16.68
C LYS A 75 -27.53 8.31 15.39
N ASN A 76 -28.18 8.41 14.23
CA ASN A 76 -27.55 8.22 12.93
C ASN A 76 -26.88 6.84 12.85
N THR A 77 -27.56 5.82 13.38
CA THR A 77 -27.00 4.49 13.40
C THR A 77 -27.93 3.49 12.71
N LEU A 78 -27.34 2.37 12.29
CA LEU A 78 -28.09 1.30 11.65
C LEU A 78 -27.53 -0.02 12.13
N SER A 79 -28.40 -1.03 12.24
CA SER A 79 -27.98 -2.35 12.71
C SER A 79 -28.67 -3.43 11.90
N LEU A 80 -27.97 -4.55 11.74
CA LEU A 80 -28.50 -5.75 11.10
C LEU A 80 -28.25 -6.93 12.03
N GLN A 81 -29.32 -7.46 12.61
CA GLN A 81 -29.26 -8.65 13.44
C GLN A 81 -29.44 -9.88 12.54
N MET A 82 -28.56 -10.86 12.68
CA MET A 82 -28.52 -12.01 11.80
C MET A 82 -28.66 -13.27 12.65
N ASN A 83 -29.81 -13.92 12.56
CA ASN A 83 -30.07 -15.17 13.27
C ASN A 83 -30.17 -16.32 12.28
N SER A 84 -30.15 -17.54 12.83
CA SER A 84 -30.25 -18.77 12.05
C SER A 84 -29.22 -18.77 10.92
N LEU A 85 -27.99 -18.40 11.25
CA LEU A 85 -26.97 -18.23 10.23
C LEU A 85 -26.65 -19.55 9.54
N ARG A 86 -26.38 -19.46 8.25
CA ARG A 86 -26.05 -20.62 7.43
C ARG A 86 -24.66 -20.45 6.85
N THR A 87 -24.11 -21.56 6.35
CA THR A 87 -22.79 -21.54 5.73
C THR A 87 -22.74 -20.53 4.59
N GLU A 88 -23.79 -20.48 3.77
CA GLU A 88 -23.82 -19.56 2.63
C GLU A 88 -23.92 -18.10 3.04
N ASP A 89 -24.11 -17.80 4.32
CA ASP A 89 -24.08 -16.44 4.81
C ASP A 89 -22.66 -15.88 4.93
N THR A 90 -21.63 -16.72 4.78
CA THR A 90 -20.25 -16.28 4.88
C THR A 90 -19.93 -15.27 3.78
N ALA A 91 -19.57 -14.04 4.17
CA ALA A 91 -19.34 -12.99 3.21
C ALA A 91 -18.80 -11.75 3.90
N VAL A 92 -18.25 -10.84 3.09
CA VAL A 92 -18.03 -9.47 3.53
C VAL A 92 -19.33 -8.70 3.36
N TYR A 93 -19.75 -8.01 4.41
CA TYR A 93 -21.00 -7.25 4.42
C TYR A 93 -20.68 -5.76 4.44
N TYR A 94 -21.30 -5.01 3.53
CA TYR A 94 -21.20 -3.57 3.47
C TYR A 94 -22.54 -2.94 3.78
N CYS A 95 -22.54 -1.88 4.59
CA CYS A 95 -23.65 -0.95 4.56
C CYS A 95 -23.44 0.03 3.42
N ALA A 96 -24.54 0.45 2.81
CA ALA A 96 -24.48 1.23 1.58
C ALA A 96 -25.60 2.25 1.59
N LYS A 97 -25.25 3.52 1.39
CA LYS A 97 -26.24 4.58 1.36
C LYS A 97 -26.93 4.59 -0.01
N ASP A 98 -28.24 4.67 0.00
CA ASP A 98 -28.97 4.85 -1.24
C ASP A 98 -28.62 6.20 -1.86
N ALA A 99 -28.39 6.20 -3.17
CA ALA A 99 -27.98 7.43 -3.85
C ALA A 99 -29.14 8.40 -4.07
N THR A 100 -30.38 7.97 -3.89
CA THR A 100 -31.55 8.79 -4.17
C THR A 100 -32.33 9.05 -2.88
N PRO A 101 -32.50 10.29 -2.47
CA PRO A 101 -33.34 10.57 -1.29
C PRO A 101 -34.77 10.13 -1.53
N TYR A 102 -35.46 9.78 -0.44
CA TYR A 102 -36.86 9.38 -0.57
C TYR A 102 -37.67 10.51 -1.19
N TYR A 103 -38.72 10.13 -1.92
CA TYR A 103 -39.46 11.12 -2.70
C TYR A 103 -40.91 10.67 -2.86
N TYR A 104 -41.79 11.63 -3.08
CA TYR A 104 -43.20 11.36 -3.31
C TYR A 104 -43.51 11.43 -4.80
N SER A 105 -44.28 10.46 -5.27
CA SER A 105 -44.63 10.41 -6.69
C SER A 105 -45.84 9.50 -6.91
N GLY A 106 -46.75 9.95 -7.76
CA GLY A 106 -47.89 9.14 -8.15
C GLY A 106 -48.75 8.63 -7.02
N GLY A 107 -48.78 9.35 -5.90
CA GLY A 107 -49.55 8.92 -4.76
C GLY A 107 -48.80 8.08 -3.74
N TYR A 108 -47.54 7.76 -3.98
CA TYR A 108 -46.80 6.87 -3.11
C TYR A 108 -45.47 7.50 -2.69
N TRP A 109 -45.05 7.20 -1.48
CA TRP A 109 -43.72 7.57 -1.00
C TRP A 109 -42.75 6.45 -1.35
N TYR A 110 -41.62 6.82 -1.96
CA TYR A 110 -40.61 5.89 -2.41
C TYR A 110 -39.35 6.07 -1.56
N VAL A 111 -38.79 4.95 -1.12
CA VAL A 111 -37.69 4.95 -0.17
C VAL A 111 -36.35 5.23 -0.81
N GLY A 112 -36.22 5.03 -2.11
CA GLY A 112 -34.93 5.12 -2.78
C GLY A 112 -34.97 4.33 -4.07
N ASN A 113 -33.86 4.40 -4.79
CA ASN A 113 -33.79 3.80 -6.12
C ASN A 113 -32.84 2.61 -6.19
N TYR A 114 -32.35 2.12 -5.05
CA TYR A 114 -31.53 0.91 -4.99
C TYR A 114 -30.28 1.03 -5.86
N SER A 115 -29.68 2.22 -5.83
CA SER A 115 -28.30 2.42 -6.28
C SER A 115 -27.53 3.00 -5.10
N PHE A 116 -26.22 2.74 -5.07
CA PHE A 116 -25.43 2.93 -3.87
C PHE A 116 -24.20 3.77 -4.21
N ASP A 117 -24.20 5.03 -3.74
CA ASP A 117 -23.10 5.95 -4.04
C ASP A 117 -22.02 5.96 -2.98
N TYR A 118 -22.33 5.53 -1.75
CA TYR A 118 -21.33 5.47 -0.70
C TYR A 118 -21.43 4.13 0.03
N TRP A 119 -20.28 3.54 0.32
CA TRP A 119 -20.17 2.20 0.87
C TRP A 119 -19.29 2.21 2.11
N GLY A 120 -19.65 1.40 3.10
CA GLY A 120 -18.79 1.19 4.24
C GLY A 120 -17.56 0.39 3.87
N GLN A 121 -16.67 0.22 4.86
CA GLN A 121 -15.41 -0.47 4.63
C GLN A 121 -15.60 -1.98 4.52
N GLY A 122 -16.73 -2.52 4.95
CA GLY A 122 -16.97 -3.95 4.89
C GLY A 122 -16.50 -4.68 6.12
N VAL A 123 -17.32 -5.62 6.60
CA VAL A 123 -17.02 -6.40 7.79
C VAL A 123 -17.19 -7.88 7.44
N LEU A 124 -16.24 -8.70 7.86
CA LEU A 124 -16.27 -10.11 7.52
C LEU A 124 -17.18 -10.89 8.47
N VAL A 125 -18.07 -11.70 7.90
CA VAL A 125 -18.92 -12.62 8.64
C VAL A 125 -18.61 -14.02 8.15
N THR A 126 -18.17 -14.88 9.07
CA THR A 126 -17.90 -16.28 8.77
C THR A 126 -18.87 -17.15 9.56
N VAL A 127 -19.46 -18.12 8.89
CA VAL A 127 -20.36 -19.09 9.52
C VAL A 127 -19.80 -20.47 9.23
N SER A 128 -19.42 -21.19 10.28
CA SER A 128 -18.76 -22.48 10.10
C SER A 128 -18.91 -23.29 11.37
N SER A 129 -18.85 -24.61 11.22
CA SER A 129 -18.93 -25.50 12.37
C SER A 129 -17.60 -25.62 13.11
N ALA A 130 -16.50 -25.19 12.48
CA ALA A 130 -15.21 -25.22 13.15
C ALA A 130 -15.11 -24.06 14.13
N SER A 131 -14.47 -24.32 15.27
CA SER A 131 -14.30 -23.31 16.30
C SER A 131 -13.04 -22.48 16.03
N THR A 132 -12.99 -21.31 16.66
CA THR A 132 -11.81 -20.46 16.57
C THR A 132 -10.58 -21.20 17.06
N LYS A 133 -9.46 -21.00 16.37
CA LYS A 133 -8.20 -21.64 16.72
C LYS A 133 -7.06 -20.68 16.43
N GLY A 134 -6.23 -20.40 17.43
CA GLY A 134 -5.04 -19.62 17.24
C GLY A 134 -4.00 -20.38 16.46
N PRO A 135 -3.06 -19.67 15.86
CA PRO A 135 -2.07 -20.34 15.00
C PRO A 135 -0.90 -20.89 15.79
N SER A 136 -0.23 -21.86 15.17
CA SER A 136 1.11 -22.26 15.59
C SER A 136 2.11 -21.55 14.69
N VAL A 137 3.10 -20.90 15.29
CA VAL A 137 4.06 -20.10 14.57
C VAL A 137 5.40 -20.83 14.57
N PHE A 138 5.88 -21.15 13.37
CA PHE A 138 7.15 -21.86 13.23
C PHE A 138 8.13 -21.02 12.42
N PRO A 139 9.42 -21.12 12.73
CA PRO A 139 10.40 -20.36 11.96
C PRO A 139 10.71 -21.04 10.63
N LEU A 140 10.95 -20.23 9.60
CA LEU A 140 11.32 -20.68 8.27
C LEU A 140 12.73 -20.18 8.01
N ALA A 141 13.70 -21.08 8.01
CA ALA A 141 15.09 -20.72 7.79
C ALA A 141 15.73 -21.76 6.88
N PRO A 142 16.70 -21.36 6.06
CA PRO A 142 17.44 -22.35 5.27
C PRO A 142 18.22 -23.29 6.17
N SER A 143 18.41 -24.52 5.69
CA SER A 143 19.18 -25.50 6.46
C SER A 143 20.64 -25.05 6.58
N SER A 144 21.21 -24.51 5.51
CA SER A 144 22.60 -24.03 5.52
C SER A 144 22.77 -23.03 4.40
N ARG A 145 23.14 -21.80 4.75
CA ARG A 145 23.35 -20.73 3.79
C ARG A 145 24.84 -20.66 3.46
N SER A 146 25.18 -20.96 2.21
CA SER A 146 26.56 -20.90 1.78
C SER A 146 27.03 -19.44 1.71
N THR A 147 28.35 -19.27 1.74
CA THR A 147 28.93 -17.92 1.71
C THR A 147 28.59 -17.21 0.41
N SER A 148 28.52 -17.95 -0.71
CA SER A 148 28.17 -17.35 -1.99
C SER A 148 26.81 -16.67 -1.97
N GLU A 149 25.93 -17.06 -1.04
CA GLU A 149 24.61 -16.44 -0.91
C GLU A 149 24.75 -15.19 -0.03
N SER A 150 24.79 -14.02 -0.67
CA SER A 150 24.90 -12.77 0.09
C SER A 150 23.61 -12.44 0.83
N THR A 151 22.48 -12.94 0.36
CA THR A 151 21.19 -12.69 1.00
C THR A 151 20.60 -14.01 1.48
N ALA A 152 19.62 -13.90 2.37
CA ALA A 152 18.95 -15.07 2.92
C ALA A 152 17.49 -14.72 3.19
N ALA A 153 16.60 -15.67 2.89
CA ALA A 153 15.18 -15.52 3.10
C ALA A 153 14.80 -16.13 4.45
N LEU A 154 14.31 -15.28 5.36
CA LEU A 154 13.81 -15.74 6.65
C LEU A 154 12.30 -15.58 6.68
N GLY A 155 11.63 -16.45 7.43
CA GLY A 155 10.18 -16.34 7.41
C GLY A 155 9.53 -16.95 8.64
N CYS A 156 8.21 -16.85 8.64
CA CYS A 156 7.38 -17.44 9.67
C CYS A 156 6.21 -18.14 9.02
N LEU A 157 6.01 -19.39 9.40
CA LEU A 157 4.83 -20.17 9.00
C LEU A 157 3.78 -20.03 10.09
N VAL A 158 2.62 -19.48 9.72
CA VAL A 158 1.48 -19.28 10.59
C VAL A 158 0.48 -20.38 10.22
N LYS A 159 0.42 -21.43 11.03
CA LYS A 159 -0.20 -22.69 10.64
C LYS A 159 -1.44 -22.99 11.46
N ASP A 160 -2.48 -23.51 10.79
CA ASP A 160 -3.63 -24.12 11.43
C ASP A 160 -4.37 -23.11 12.32
N TYR A 161 -4.81 -22.01 11.71
CA TYR A 161 -5.64 -21.04 12.39
C TYR A 161 -6.99 -20.91 11.70
N PHE A 162 -7.97 -20.44 12.47
CA PHE A 162 -9.32 -20.22 11.96
C PHE A 162 -10.01 -19.22 12.88
N PRO A 163 -10.76 -18.26 12.35
CA PRO A 163 -10.94 -17.93 10.93
C PRO A 163 -9.94 -16.89 10.47
N GLU A 164 -10.08 -16.40 9.24
CA GLU A 164 -9.35 -15.23 8.79
C GLU A 164 -9.81 -14.01 9.59
N PRO A 165 -8.98 -12.95 9.67
CA PRO A 165 -7.67 -12.76 9.06
C PRO A 165 -6.50 -12.82 10.04
N VAL A 166 -5.28 -12.78 9.51
CA VAL A 166 -4.05 -12.71 10.29
C VAL A 166 -3.20 -11.57 9.73
N THR A 167 -2.57 -10.80 10.61
CA THR A 167 -1.61 -9.79 10.19
C THR A 167 -0.22 -10.15 10.68
N VAL A 168 0.79 -9.86 9.87
CA VAL A 168 2.18 -10.14 10.19
C VAL A 168 3.00 -8.88 9.98
N SER A 169 3.85 -8.55 10.94
CA SER A 169 4.87 -7.53 10.77
C SER A 169 6.22 -8.12 11.14
N TRP A 170 7.29 -7.36 10.89
CA TRP A 170 8.64 -7.80 11.20
C TRP A 170 9.33 -6.72 12.01
N ASN A 171 9.91 -7.12 13.15
CA ASN A 171 10.60 -6.20 14.06
C ASN A 171 9.71 -5.02 14.42
N SER A 172 8.47 -5.33 14.79
CA SER A 172 7.50 -4.35 15.29
C SER A 172 7.25 -3.24 14.28
N GLY A 173 7.25 -3.59 13.00
CA GLY A 173 6.98 -2.64 11.94
C GLY A 173 8.17 -1.82 11.50
N SER A 174 9.35 -2.04 12.07
CA SER A 174 10.54 -1.31 11.66
C SER A 174 11.21 -1.94 10.44
N LEU A 175 10.86 -3.16 10.09
CA LEU A 175 11.38 -3.84 8.91
C LEU A 175 10.23 -4.04 7.92
N THR A 176 10.29 -3.34 6.79
CA THR A 176 9.21 -3.39 5.81
C THR A 176 9.74 -3.75 4.42
N SER A 177 10.96 -3.32 4.11
CA SER A 177 11.52 -3.54 2.78
C SER A 177 11.88 -5.00 2.60
N GLY A 178 11.41 -5.59 1.49
CA GLY A 178 11.63 -6.99 1.23
C GLY A 178 10.65 -7.93 1.90
N VAL A 179 9.67 -7.41 2.63
CA VAL A 179 8.68 -8.23 3.30
C VAL A 179 7.61 -8.65 2.30
N HIS A 180 7.28 -9.93 2.29
CA HIS A 180 6.22 -10.48 1.45
C HIS A 180 5.40 -11.44 2.31
N THR A 181 4.17 -11.05 2.63
CA THR A 181 3.26 -11.88 3.39
C THR A 181 2.22 -12.46 2.43
N PHE A 182 2.13 -13.79 2.39
CA PHE A 182 1.33 -14.42 1.34
C PHE A 182 -0.10 -14.66 1.80
N PRO A 183 -1.05 -14.56 0.88
CA PRO A 183 -2.43 -14.96 1.20
C PRO A 183 -2.48 -16.40 1.66
N ALA A 184 -3.40 -16.67 2.59
CA ALA A 184 -3.45 -17.96 3.24
C ALA A 184 -3.97 -19.04 2.29
N VAL A 185 -3.54 -20.27 2.55
CA VAL A 185 -4.11 -21.44 1.90
C VAL A 185 -5.22 -21.98 2.80
N LEU A 186 -6.26 -22.53 2.19
CA LEU A 186 -7.34 -23.17 2.92
C LEU A 186 -7.14 -24.68 2.83
N GLN A 187 -6.91 -25.31 3.97
CA GLN A 187 -6.67 -26.74 3.99
C GLN A 187 -7.99 -27.51 3.99
N SER A 188 -7.91 -28.81 3.70
CA SER A 188 -9.09 -29.66 3.72
C SER A 188 -9.69 -29.75 5.11
N SER A 189 -8.86 -29.60 6.15
CA SER A 189 -9.35 -29.58 7.52
C SER A 189 -10.23 -28.38 7.82
N GLY A 190 -10.28 -27.39 6.94
CA GLY A 190 -11.01 -26.17 7.20
C GLY A 190 -10.20 -25.10 7.92
N LEU A 191 -8.91 -25.34 8.17
CA LEU A 191 -8.03 -24.37 8.80
C LEU A 191 -7.16 -23.71 7.75
N TYR A 192 -6.68 -22.51 8.09
CA TYR A 192 -5.83 -21.72 7.21
C TYR A 192 -4.36 -21.81 7.62
N SER A 193 -3.49 -21.56 6.65
CA SER A 193 -2.07 -21.40 6.91
C SER A 193 -1.53 -20.36 5.94
N LEU A 194 -0.66 -19.48 6.45
CA LEU A 194 0.02 -18.52 5.60
C LEU A 194 1.49 -18.47 5.99
N SER A 195 2.26 -17.77 5.17
CA SER A 195 3.69 -17.61 5.41
C SER A 195 4.09 -16.17 5.12
N SER A 196 5.00 -15.65 5.93
CA SER A 196 5.56 -14.33 5.71
C SER A 196 7.07 -14.47 5.58
N VAL A 197 7.65 -13.82 4.58
CA VAL A 197 9.08 -13.96 4.29
C VAL A 197 9.70 -12.58 4.14
N VAL A 198 10.99 -12.49 4.43
CA VAL A 198 11.76 -11.26 4.28
C VAL A 198 13.18 -11.64 3.91
N THR A 199 13.73 -10.97 2.89
CA THR A 199 15.08 -11.22 2.42
C THR A 199 16.02 -10.22 3.09
N VAL A 200 16.99 -10.73 3.84
CA VAL A 200 17.88 -9.91 4.64
C VAL A 200 19.32 -10.23 4.22
N PRO A 201 20.25 -9.31 4.45
CA PRO A 201 21.66 -9.61 4.11
C PRO A 201 22.23 -10.67 5.04
N SER A 202 23.02 -11.57 4.46
CA SER A 202 23.63 -12.64 5.25
C SER A 202 24.59 -12.08 6.30
N SER A 203 25.28 -10.99 5.99
CA SER A 203 26.22 -10.38 6.93
C SER A 203 25.52 -9.81 8.17
N SER A 204 24.21 -9.67 8.14
CA SER A 204 23.47 -9.17 9.30
C SER A 204 23.07 -10.28 10.27
N LEU A 205 23.06 -11.54 9.82
CA LEU A 205 22.76 -12.66 10.70
C LEU A 205 23.87 -12.78 11.74
N GLY A 206 23.48 -12.94 13.00
CA GLY A 206 24.42 -12.86 14.10
C GLY A 206 24.69 -11.45 14.58
N THR A 207 24.30 -10.44 13.81
CA THR A 207 24.36 -9.04 14.22
C THR A 207 22.97 -8.43 14.43
N GLN A 208 22.01 -8.78 13.60
CA GLN A 208 20.65 -8.25 13.68
C GLN A 208 19.68 -9.40 13.96
N THR A 209 18.78 -9.18 14.91
CA THR A 209 17.72 -10.15 15.18
C THR A 209 16.51 -9.85 14.30
N TYR A 210 15.84 -10.91 13.87
CA TYR A 210 14.67 -10.79 13.02
C TYR A 210 13.51 -11.51 13.70
N VAL A 211 12.49 -10.75 14.09
CA VAL A 211 11.35 -11.25 14.82
C VAL A 211 10.10 -10.99 14.00
N CYS A 212 9.30 -12.03 13.79
CA CYS A 212 8.00 -11.86 13.17
C CYS A 212 6.93 -11.71 14.25
N ASN A 213 6.04 -10.75 14.04
CA ASN A 213 4.94 -10.44 14.96
C ASN A 213 3.65 -10.83 14.26
N VAL A 214 2.98 -11.84 14.81
CA VAL A 214 1.77 -12.41 14.23
C VAL A 214 0.59 -12.03 15.12
N ASN A 215 -0.45 -11.48 14.52
CA ASN A 215 -1.64 -11.05 15.23
C ASN A 215 -2.84 -11.75 14.62
N HIS A 216 -3.49 -12.61 15.42
CA HIS A 216 -4.73 -13.29 15.07
C HIS A 216 -5.79 -12.76 16.04
N LYS A 217 -6.41 -11.64 15.64
CA LYS A 217 -7.46 -11.04 16.45
C LYS A 217 -8.66 -11.97 16.69
N PRO A 218 -9.14 -12.76 15.72
CA PRO A 218 -10.30 -13.63 16.01
C PRO A 218 -10.12 -14.56 17.20
N SER A 219 -8.89 -14.98 17.50
CA SER A 219 -8.61 -15.78 18.69
C SER A 219 -7.98 -14.95 19.80
N ASN A 220 -7.84 -13.65 19.61
CA ASN A 220 -7.15 -12.77 20.55
C ASN A 220 -5.78 -13.33 20.90
N THR A 221 -5.01 -13.67 19.87
CA THR A 221 -3.68 -14.24 20.04
C THR A 221 -2.65 -13.36 19.36
N LYS A 222 -1.53 -13.13 20.03
CA LYS A 222 -0.37 -12.46 19.46
C LYS A 222 0.85 -13.32 19.75
N VAL A 223 1.70 -13.49 18.73
CA VAL A 223 2.90 -14.31 18.86
C VAL A 223 4.08 -13.53 18.29
N ASP A 224 5.17 -13.44 19.05
CA ASP A 224 6.44 -12.92 18.55
C ASP A 224 7.42 -14.09 18.45
N LYS A 225 8.03 -14.26 17.28
CA LYS A 225 8.92 -15.39 17.05
C LYS A 225 10.19 -14.91 16.37
N ARG A 226 11.32 -15.12 17.03
CA ARG A 226 12.61 -14.81 16.42
C ARG A 226 13.03 -15.94 15.49
N VAL A 227 13.55 -15.57 14.33
CA VAL A 227 13.94 -16.53 13.29
C VAL A 227 15.44 -16.43 13.10
N GLU A 228 16.14 -17.53 13.35
CA GLU A 228 17.57 -17.62 13.11
C GLU A 228 17.85 -18.85 12.26
N ILE A 229 19.00 -18.83 11.59
CA ILE A 229 19.47 -19.98 10.81
C ILE A 229 20.43 -20.77 11.68
N LYS A 230 20.15 -22.08 11.81
CA LYS A 230 20.96 -22.96 12.65
C LYS A 230 22.06 -23.62 11.81
N THR A 231 22.98 -22.77 11.35
CA THR A 231 24.14 -23.23 10.57
C THR A 231 25.41 -22.54 11.05
N GLN B 1 -36.45 -11.70 -13.63
CA GLN B 1 -36.73 -12.60 -14.74
C GLN B 1 -35.50 -13.45 -15.07
N SER B 2 -34.44 -13.21 -14.29
CA SER B 2 -33.18 -13.95 -14.34
C SER B 2 -32.18 -13.24 -13.44
N VAL B 3 -30.93 -13.71 -13.43
CA VAL B 3 -29.82 -12.95 -12.87
C VAL B 3 -29.02 -12.39 -14.03
N LEU B 4 -28.71 -11.09 -13.95
CA LEU B 4 -28.06 -10.40 -15.06
C LEU B 4 -26.78 -11.12 -15.48
N THR B 5 -26.64 -11.34 -16.79
CA THR B 5 -25.56 -12.14 -17.35
C THR B 5 -24.46 -11.23 -17.85
N GLN B 6 -23.27 -11.37 -17.27
CA GLN B 6 -22.07 -10.68 -17.68
C GLN B 6 -21.00 -11.70 -18.07
N PRO B 7 -20.13 -11.37 -19.03
CA PRO B 7 -19.00 -12.24 -19.31
C PRO B 7 -18.04 -12.24 -18.13
N PRO B 8 -17.53 -13.41 -17.73
CA PRO B 8 -16.64 -13.46 -16.56
C PRO B 8 -15.40 -12.59 -16.70
N SER B 9 -14.89 -12.40 -17.91
CA SER B 9 -13.65 -11.65 -18.11
C SER B 9 -13.74 -10.81 -19.37
N ALA B 10 -12.91 -9.77 -19.41
CA ALA B 10 -12.76 -8.90 -20.56
C ALA B 10 -11.36 -8.30 -20.54
N SER B 11 -10.84 -7.99 -21.73
CA SER B 11 -9.49 -7.46 -21.84
C SER B 11 -9.46 -6.33 -22.86
N GLY B 12 -8.48 -5.45 -22.70
CA GLY B 12 -8.31 -4.33 -23.61
C GLY B 12 -6.89 -3.83 -23.59
N ALA B 13 -6.51 -3.17 -24.69
CA ALA B 13 -5.16 -2.64 -24.85
C ALA B 13 -5.05 -1.26 -24.21
N PRO B 14 -3.90 -0.94 -23.63
CA PRO B 14 -3.72 0.38 -23.01
C PRO B 14 -3.89 1.50 -24.03
N GLY B 15 -4.61 2.53 -23.61
CA GLY B 15 -4.96 3.62 -24.50
C GLY B 15 -6.12 3.33 -25.45
N GLN B 16 -6.60 2.09 -25.49
CA GLN B 16 -7.68 1.71 -26.37
C GLN B 16 -8.99 1.61 -25.58
N SER B 17 -9.96 0.86 -26.09
CA SER B 17 -11.29 0.79 -25.51
C SER B 17 -11.67 -0.65 -25.24
N VAL B 18 -12.65 -0.82 -24.36
CA VAL B 18 -13.24 -2.12 -24.06
C VAL B 18 -14.71 -1.91 -23.75
N THR B 19 -15.53 -2.92 -24.08
CA THR B 19 -16.96 -2.86 -23.85
C THR B 19 -17.37 -4.08 -23.02
N ILE B 20 -18.01 -3.83 -21.88
CA ILE B 20 -18.51 -4.87 -20.99
C ILE B 20 -20.02 -4.91 -21.15
N SER B 21 -20.54 -6.07 -21.54
CA SER B 21 -21.97 -6.24 -21.78
C SER B 21 -22.66 -6.80 -20.54
N CYS B 22 -23.98 -6.64 -20.53
CA CYS B 22 -24.81 -7.11 -19.42
C CYS B 22 -26.19 -7.40 -19.97
N SER B 23 -26.56 -8.68 -20.02
CA SER B 23 -27.80 -9.12 -20.63
C SER B 23 -28.81 -9.51 -19.57
N GLY B 24 -30.06 -9.08 -19.75
CA GLY B 24 -31.12 -9.40 -18.82
C GLY B 24 -32.41 -9.78 -19.50
N SER B 25 -33.48 -9.03 -19.20
CA SER B 25 -34.80 -9.34 -19.72
C SER B 25 -35.61 -8.04 -19.81
N SER B 26 -36.88 -8.18 -20.18
CA SER B 26 -37.74 -7.01 -20.32
C SER B 26 -38.13 -6.44 -18.96
N SER B 27 -38.21 -7.28 -17.93
CA SER B 27 -38.62 -6.82 -16.61
C SER B 27 -37.49 -6.18 -15.81
N ASN B 28 -36.25 -6.27 -16.28
CA ASN B 28 -35.16 -5.57 -15.60
C ASN B 28 -34.49 -4.56 -16.53
N ILE B 29 -33.52 -5.01 -17.34
CA ILE B 29 -32.78 -4.10 -18.19
C ILE B 29 -33.71 -3.37 -19.15
N GLY B 30 -34.71 -4.08 -19.68
CA GLY B 30 -35.55 -3.52 -20.73
C GLY B 30 -36.44 -2.39 -20.27
N SER B 31 -36.77 -2.36 -18.99
CA SER B 31 -37.72 -1.37 -18.49
C SER B 31 -37.24 -0.59 -17.27
N ASN B 32 -36.00 -0.79 -16.82
CA ASN B 32 -35.55 -0.14 -15.60
C ASN B 32 -34.16 0.44 -15.78
N TYR B 33 -33.84 1.43 -14.94
CA TYR B 33 -32.52 2.04 -14.97
C TYR B 33 -31.43 1.01 -14.70
N VAL B 34 -30.30 1.17 -15.38
CA VAL B 34 -29.15 0.31 -15.19
C VAL B 34 -28.05 1.11 -14.51
N TYR B 35 -27.35 0.48 -13.56
CA TYR B 35 -26.25 1.08 -12.84
C TYR B 35 -25.01 0.22 -13.02
N TRP B 36 -23.86 0.87 -13.00
CA TRP B 36 -22.57 0.20 -13.16
C TRP B 36 -21.66 0.59 -12.01
N TYR B 37 -20.98 -0.41 -11.46
CA TYR B 37 -20.06 -0.26 -10.33
C TYR B 37 -18.69 -0.79 -10.72
N GLN B 38 -17.66 -0.12 -10.21
CA GLN B 38 -16.28 -0.58 -10.32
C GLN B 38 -15.78 -0.98 -8.94
N GLN B 39 -15.08 -2.12 -8.87
CA GLN B 39 -14.54 -2.61 -7.61
C GLN B 39 -13.09 -3.01 -7.83
N LEU B 40 -12.18 -2.22 -7.28
CA LEU B 40 -10.77 -2.56 -7.29
C LEU B 40 -10.49 -3.68 -6.29
N SER B 41 -9.33 -4.31 -6.44
CA SER B 41 -8.94 -5.41 -5.57
C SER B 41 -8.91 -4.96 -4.11
N GLY B 42 -9.65 -5.68 -3.26
CA GLY B 42 -9.64 -5.40 -1.84
C GLY B 42 -10.41 -4.19 -1.40
N LYS B 43 -11.14 -3.52 -2.29
CA LYS B 43 -11.86 -2.31 -1.96
C LYS B 43 -13.37 -2.51 -2.14
N ALA B 44 -14.13 -1.59 -1.55
CA ALA B 44 -15.56 -1.57 -1.73
C ALA B 44 -15.91 -1.12 -3.15
N PRO B 45 -17.09 -1.47 -3.64
CA PRO B 45 -17.51 -0.99 -4.95
C PRO B 45 -17.69 0.52 -4.96
N LYS B 46 -17.68 1.08 -6.17
CA LYS B 46 -17.85 2.51 -6.37
C LYS B 46 -18.85 2.72 -7.49
N LEU B 47 -19.82 3.59 -7.27
CA LEU B 47 -20.81 3.90 -8.30
C LEU B 47 -20.13 4.56 -9.48
N LEU B 48 -20.20 3.90 -10.64
CA LEU B 48 -19.55 4.35 -11.87
C LEU B 48 -20.51 4.98 -12.86
N ILE B 49 -21.70 4.41 -13.01
CA ILE B 49 -22.71 4.96 -13.93
C ILE B 49 -24.08 4.73 -13.31
N TYR B 50 -24.96 5.71 -13.45
CA TYR B 50 -26.34 5.58 -12.97
C TYR B 50 -27.30 6.03 -14.07
N ASN B 51 -28.54 5.56 -13.95
CA ASN B 51 -29.62 5.90 -14.86
C ASN B 51 -29.22 5.67 -16.31
N ASN B 52 -28.79 4.44 -16.59
CA ASN B 52 -28.43 3.97 -17.92
C ASN B 52 -27.13 4.59 -18.43
N ASN B 53 -27.03 5.92 -18.41
CA ASN B 53 -25.88 6.55 -19.04
C ASN B 53 -25.37 7.80 -18.32
N GLN B 54 -25.76 8.06 -17.07
CA GLN B 54 -25.31 9.26 -16.38
C GLN B 54 -24.04 8.96 -15.57
N ARG B 55 -23.15 9.93 -15.52
CA ARG B 55 -21.90 9.79 -14.79
C ARG B 55 -21.98 10.55 -13.49
N PRO B 56 -21.69 9.92 -12.35
CA PRO B 56 -21.62 10.66 -11.08
C PRO B 56 -20.48 11.67 -11.11
N SER B 57 -20.47 12.54 -10.11
CA SER B 57 -19.45 13.58 -10.03
C SER B 57 -18.08 12.95 -9.79
N GLY B 58 -17.13 13.26 -10.67
CA GLY B 58 -15.78 12.76 -10.56
C GLY B 58 -15.45 11.58 -11.45
N VAL B 59 -16.42 11.05 -12.18
CA VAL B 59 -16.19 9.94 -13.10
C VAL B 59 -15.80 10.53 -14.46
N PRO B 60 -14.64 10.19 -15.00
CA PRO B 60 -14.24 10.77 -16.29
C PRO B 60 -15.14 10.32 -17.42
N ASP B 61 -15.24 11.17 -18.45
CA ASP B 61 -16.12 10.88 -19.57
C ASP B 61 -15.63 9.71 -20.42
N ARG B 62 -14.43 9.20 -20.18
CA ARG B 62 -13.99 8.00 -20.89
C ARG B 62 -14.76 6.77 -20.43
N PHE B 63 -15.45 6.85 -19.29
CA PHE B 63 -16.41 5.83 -18.90
C PHE B 63 -17.79 6.25 -19.42
N SER B 64 -18.40 5.39 -20.22
CA SER B 64 -19.70 5.69 -20.80
C SER B 64 -20.63 4.50 -20.61
N GLY B 65 -21.92 4.80 -20.51
CA GLY B 65 -22.93 3.77 -20.38
C GLY B 65 -23.96 3.88 -21.48
N SER B 66 -24.51 2.73 -21.88
CA SER B 66 -25.53 2.73 -22.91
C SER B 66 -26.46 1.54 -22.71
N LYS B 67 -27.65 1.64 -23.28
CA LYS B 67 -28.65 0.58 -23.18
C LYS B 67 -29.28 0.35 -24.54
N SER B 68 -29.63 -0.90 -24.81
CA SER B 68 -30.30 -1.28 -26.06
C SER B 68 -31.10 -2.53 -25.78
N GLY B 69 -32.43 -2.42 -25.90
CA GLY B 69 -33.29 -3.56 -25.67
C GLY B 69 -33.11 -4.12 -24.29
N THR B 70 -32.88 -5.43 -24.21
CA THR B 70 -32.67 -6.12 -22.95
C THR B 70 -31.20 -6.20 -22.55
N SER B 71 -30.34 -5.38 -23.16
CA SER B 71 -28.92 -5.40 -22.85
C SER B 71 -28.42 -4.00 -22.52
N ALA B 72 -27.36 -3.96 -21.73
CA ALA B 72 -26.68 -2.72 -21.37
C ALA B 72 -25.18 -2.92 -21.57
N SER B 73 -24.47 -1.80 -21.73
CA SER B 73 -23.05 -1.86 -22.02
C SER B 73 -22.33 -0.72 -21.33
N LEU B 74 -21.15 -1.03 -20.80
CA LEU B 74 -20.24 -0.05 -20.22
C LEU B 74 -19.00 0.00 -21.10
N ALA B 75 -18.68 1.17 -21.63
CA ALA B 75 -17.53 1.37 -22.49
C ALA B 75 -16.46 2.14 -21.72
N ILE B 76 -15.22 1.67 -21.83
CA ILE B 76 -14.07 2.32 -21.21
C ILE B 76 -13.06 2.61 -22.30
N SER B 77 -12.85 3.89 -22.58
CA SER B 77 -11.84 4.32 -23.54
C SER B 77 -10.62 4.89 -22.81
N GLY B 78 -9.51 4.97 -23.54
CA GLY B 78 -8.25 5.41 -22.96
C GLY B 78 -7.85 4.54 -21.80
N LEU B 79 -7.76 3.24 -22.05
CA LEU B 79 -7.57 2.27 -20.98
C LEU B 79 -6.24 2.48 -20.26
N GLN B 80 -6.31 2.53 -18.93
CA GLN B 80 -5.14 2.60 -18.07
C GLN B 80 -5.03 1.33 -17.26
N SER B 81 -3.81 1.04 -16.79
CA SER B 81 -3.60 -0.16 -15.98
C SER B 81 -4.39 -0.08 -14.68
N LYS B 82 -4.68 1.12 -14.19
CA LYS B 82 -5.47 1.27 -12.97
C LYS B 82 -6.92 0.85 -13.18
N ASP B 83 -7.38 0.76 -14.44
CA ASP B 83 -8.75 0.34 -14.70
C ASP B 83 -8.99 -1.13 -14.44
N GLU B 84 -7.95 -1.92 -14.16
CA GLU B 84 -8.13 -3.33 -13.85
C GLU B 84 -8.93 -3.48 -12.56
N ALA B 85 -10.11 -4.08 -12.68
CA ALA B 85 -11.05 -4.18 -11.57
C ALA B 85 -12.17 -5.14 -11.99
N ASP B 86 -13.12 -5.34 -11.08
CA ASP B 86 -14.35 -6.07 -11.37
C ASP B 86 -15.46 -5.06 -11.61
N TYR B 87 -16.20 -5.23 -12.71
CA TYR B 87 -17.26 -4.31 -13.08
C TYR B 87 -18.61 -5.03 -12.99
N TYR B 88 -19.57 -4.39 -12.32
CA TYR B 88 -20.86 -4.98 -12.05
C TYR B 88 -21.97 -4.12 -12.64
N CYS B 89 -22.89 -4.74 -13.37
CA CYS B 89 -24.13 -4.08 -13.71
C CYS B 89 -25.17 -4.38 -12.65
N SER B 90 -26.24 -3.58 -12.65
CA SER B 90 -27.29 -3.73 -11.65
C SER B 90 -28.56 -3.08 -12.18
N ALA B 91 -29.69 -3.67 -11.82
CA ALA B 91 -30.97 -3.14 -12.27
C ALA B 91 -32.10 -3.70 -11.42
N TRP B 92 -33.20 -2.95 -11.35
CA TRP B 92 -34.39 -3.46 -10.66
C TRP B 92 -35.13 -4.45 -11.54
N ASP B 93 -35.67 -5.50 -10.91
CA ASP B 93 -36.51 -6.48 -11.59
C ASP B 93 -37.88 -6.40 -10.94
N SER B 94 -38.87 -5.92 -11.71
CA SER B 94 -40.23 -5.76 -11.22
C SER B 94 -40.99 -7.08 -11.21
N SER B 95 -40.61 -8.02 -12.07
CA SER B 95 -41.18 -9.36 -11.99
C SER B 95 -40.75 -10.06 -10.71
N LEU B 96 -39.47 -9.95 -10.35
CA LEU B 96 -38.97 -10.52 -9.12
C LEU B 96 -39.21 -9.62 -7.92
N ASN B 97 -39.49 -8.33 -8.14
CA ASN B 97 -39.56 -7.34 -7.06
C ASN B 97 -38.27 -7.34 -6.26
N ASP B 98 -37.15 -7.25 -6.97
CA ASP B 98 -35.85 -7.37 -6.31
C ASP B 98 -34.81 -6.56 -7.07
N PRO B 99 -33.80 -6.03 -6.38
CA PRO B 99 -32.65 -5.45 -7.08
C PRO B 99 -31.66 -6.54 -7.46
N LEU B 100 -31.14 -6.46 -8.68
CA LEU B 100 -30.28 -7.49 -9.23
C LEU B 100 -28.91 -6.91 -9.53
N PHE B 101 -27.88 -7.73 -9.31
CA PHE B 101 -26.52 -7.46 -9.76
C PHE B 101 -26.13 -8.48 -10.83
N GLY B 102 -25.27 -8.06 -11.73
CA GLY B 102 -24.64 -9.01 -12.62
C GLY B 102 -23.52 -9.78 -11.92
N GLY B 103 -23.06 -10.84 -12.58
CA GLY B 103 -22.03 -11.67 -11.99
C GLY B 103 -20.67 -11.01 -11.89
N GLY B 104 -20.46 -9.92 -12.61
CA GLY B 104 -19.19 -9.24 -12.58
C GLY B 104 -18.31 -9.62 -13.75
N THR B 105 -17.49 -8.67 -14.21
CA THR B 105 -16.56 -8.87 -15.30
C THR B 105 -15.18 -8.40 -14.86
N ARG B 106 -14.23 -9.32 -14.84
CA ARG B 106 -12.85 -8.99 -14.46
C ARG B 106 -12.13 -8.41 -15.68
N LEU B 107 -11.70 -7.17 -15.58
CA LEU B 107 -11.07 -6.48 -16.68
C LEU B 107 -9.55 -6.61 -16.59
N THR B 108 -8.94 -7.08 -17.66
CA THR B 108 -7.48 -7.16 -17.80
C THR B 108 -7.01 -6.11 -18.78
N VAL B 109 -5.92 -5.41 -18.44
CA VAL B 109 -5.27 -4.49 -19.36
C VAL B 109 -4.01 -5.17 -19.89
N LEU B 110 -3.98 -5.42 -21.19
CA LEU B 110 -2.88 -6.14 -21.80
C LEU B 110 -1.63 -5.27 -21.85
N GLY B 111 -0.51 -5.90 -22.24
CA GLY B 111 0.73 -5.20 -22.45
C GLY B 111 1.73 -5.30 -21.30
N GLN B 112 1.32 -5.80 -20.15
CA GLN B 112 2.25 -5.92 -19.04
C GLN B 112 3.30 -6.97 -19.37
N PRO B 113 4.59 -6.69 -19.15
CA PRO B 113 5.63 -7.64 -19.55
C PRO B 113 5.57 -8.92 -18.74
N LYS B 114 5.99 -10.02 -19.39
CA LYS B 114 6.05 -11.30 -18.72
C LYS B 114 7.19 -11.31 -17.70
N ALA B 115 6.99 -12.04 -16.61
CA ALA B 115 7.96 -12.10 -15.53
C ALA B 115 8.06 -13.51 -15.00
N ALA B 116 9.28 -14.04 -14.94
CA ALA B 116 9.51 -15.36 -14.39
C ALA B 116 9.37 -15.33 -12.87
N PRO B 117 8.92 -16.43 -12.26
CA PRO B 117 8.65 -16.41 -10.83
C PRO B 117 9.91 -16.62 -9.99
N SER B 118 9.98 -15.89 -8.88
CA SER B 118 10.96 -16.14 -7.84
C SER B 118 10.38 -17.18 -6.87
N VAL B 119 11.13 -18.25 -6.64
CA VAL B 119 10.67 -19.40 -5.87
C VAL B 119 11.61 -19.62 -4.70
N THR B 120 11.03 -19.74 -3.50
CA THR B 120 11.78 -20.01 -2.28
C THR B 120 11.16 -21.22 -1.59
N LEU B 121 11.98 -22.22 -1.31
CA LEU B 121 11.51 -23.45 -0.67
C LEU B 121 12.11 -23.58 0.72
N PHE B 122 11.24 -23.78 1.72
CA PHE B 122 11.60 -23.91 3.11
C PHE B 122 11.34 -25.32 3.60
N PRO B 123 12.33 -25.93 4.24
CA PRO B 123 12.11 -27.22 4.89
C PRO B 123 11.37 -27.05 6.20
N PRO B 124 10.93 -28.13 6.83
CA PRO B 124 10.24 -27.98 8.13
C PRO B 124 11.21 -27.57 9.21
N SER B 125 10.69 -26.90 10.22
CA SER B 125 11.51 -26.50 11.36
C SER B 125 11.68 -27.66 12.33
N SER B 126 12.72 -27.57 13.16
CA SER B 126 12.95 -28.58 14.18
C SER B 126 11.80 -28.61 15.19
N GLU B 127 11.17 -27.46 15.45
CA GLU B 127 10.02 -27.41 16.34
C GLU B 127 8.89 -28.31 15.85
N GLU B 128 8.48 -28.11 14.61
CA GLU B 128 7.38 -28.91 14.06
C GLU B 128 7.74 -30.39 14.05
N LEU B 129 8.98 -30.72 13.68
CA LEU B 129 9.40 -32.11 13.70
C LEU B 129 9.35 -32.68 15.11
N GLN B 130 9.69 -31.87 16.11
CA GLN B 130 9.49 -32.27 17.50
C GLN B 130 8.03 -32.59 17.77
N ALA B 131 7.12 -31.90 17.08
CA ALA B 131 5.71 -32.29 17.14
C ALA B 131 5.34 -33.41 16.16
N ASN B 132 6.34 -34.10 15.59
CA ASN B 132 6.15 -35.24 14.68
C ASN B 132 5.48 -34.88 13.36
N LYS B 133 5.56 -33.61 12.95
CA LYS B 133 4.98 -33.16 11.69
C LYS B 133 6.06 -32.44 10.87
N ALA B 134 5.77 -32.21 9.59
CA ALA B 134 6.75 -31.59 8.70
C ALA B 134 6.01 -30.90 7.57
N THR B 135 5.98 -29.58 7.59
CA THR B 135 5.34 -28.79 6.54
C THR B 135 6.42 -28.14 5.68
N LEU B 136 6.41 -28.44 4.40
CA LEU B 136 7.33 -27.84 3.43
C LEU B 136 6.62 -26.69 2.74
N VAL B 137 7.30 -25.55 2.61
CA VAL B 137 6.65 -24.33 2.15
C VAL B 137 7.34 -23.83 0.88
N CYS B 138 6.57 -23.70 -0.20
CA CYS B 138 7.07 -23.22 -1.47
C CYS B 138 6.38 -21.90 -1.79
N LEU B 139 7.14 -20.80 -1.75
CA LEU B 139 6.62 -19.46 -1.97
C LEU B 139 7.03 -18.97 -3.35
N ILE B 140 6.04 -18.57 -4.16
CA ILE B 140 6.25 -18.14 -5.53
C ILE B 140 5.77 -16.70 -5.65
N SER B 141 6.61 -15.84 -6.22
CA SER B 141 6.26 -14.43 -6.26
C SER B 141 6.79 -13.78 -7.52
N ASP B 142 6.21 -12.62 -7.86
CA ASP B 142 6.74 -11.73 -8.90
C ASP B 142 6.67 -12.35 -10.28
N PHE B 143 5.56 -13.02 -10.60
CA PHE B 143 5.38 -13.61 -11.92
C PHE B 143 4.15 -13.03 -12.61
N TYR B 144 4.24 -12.95 -13.94
CA TYR B 144 3.15 -12.49 -14.79
C TYR B 144 3.26 -13.23 -16.11
N PRO B 145 2.17 -13.77 -16.66
CA PRO B 145 0.77 -13.71 -16.17
C PRO B 145 0.54 -14.55 -14.91
N GLY B 146 -0.63 -14.43 -14.30
CA GLY B 146 -0.92 -15.13 -13.06
C GLY B 146 -1.40 -16.55 -13.24
N ALA B 147 -0.52 -17.41 -13.76
CA ALA B 147 -0.84 -18.82 -13.94
C ALA B 147 0.44 -19.62 -13.77
N VAL B 148 0.47 -20.49 -12.76
CA VAL B 148 1.62 -21.34 -12.50
C VAL B 148 1.12 -22.75 -12.24
N GLU B 149 2.03 -23.71 -12.42
CA GLU B 149 1.78 -25.10 -12.09
C GLU B 149 2.82 -25.54 -11.07
N VAL B 150 2.37 -26.19 -10.01
CA VAL B 150 3.25 -26.59 -8.91
C VAL B 150 3.23 -28.11 -8.80
N ALA B 151 4.39 -28.73 -8.95
CA ALA B 151 4.55 -30.17 -8.78
C ALA B 151 5.55 -30.44 -7.67
N TRP B 152 5.25 -31.44 -6.84
CA TRP B 152 6.13 -31.80 -5.73
C TRP B 152 6.76 -33.16 -6.02
N LYS B 153 8.06 -33.26 -5.79
CA LYS B 153 8.81 -34.48 -6.02
C LYS B 153 9.55 -34.88 -4.76
N ALA B 154 9.74 -36.19 -4.60
CA ALA B 154 10.48 -36.76 -3.47
C ALA B 154 11.45 -37.78 -4.05
N ASP B 155 12.73 -37.41 -4.11
CA ASP B 155 13.78 -38.28 -4.65
C ASP B 155 13.40 -38.83 -6.03
N GLY B 156 12.81 -37.96 -6.85
CA GLY B 156 12.42 -38.32 -8.19
C GLY B 156 10.99 -38.81 -8.35
N SER B 157 10.34 -39.22 -7.28
CA SER B 157 8.99 -39.74 -7.35
C SER B 157 7.98 -38.60 -7.22
N ALA B 158 6.81 -38.78 -7.81
CA ALA B 158 5.76 -37.77 -7.73
C ALA B 158 5.07 -37.81 -6.38
N VAL B 159 4.79 -36.64 -5.82
CA VAL B 159 4.09 -36.50 -4.55
C VAL B 159 2.71 -35.96 -4.84
N ASN B 160 1.68 -36.71 -4.47
CA ASN B 160 0.30 -36.32 -4.70
C ASN B 160 -0.45 -36.00 -3.42
N ALA B 161 -0.25 -36.78 -2.36
CA ALA B 161 -0.95 -36.56 -1.11
C ALA B 161 -0.33 -35.42 -0.32
N GLY B 162 -1.17 -34.65 0.37
CA GLY B 162 -0.71 -33.61 1.26
C GLY B 162 -0.35 -32.29 0.61
N VAL B 163 -0.65 -32.10 -0.67
CA VAL B 163 -0.32 -30.88 -1.39
C VAL B 163 -1.52 -29.94 -1.34
N GLU B 164 -1.28 -28.68 -0.99
CA GLU B 164 -2.33 -27.66 -1.01
C GLU B 164 -1.73 -26.38 -1.59
N THR B 165 -2.28 -25.91 -2.70
CA THR B 165 -1.72 -24.78 -3.43
C THR B 165 -2.77 -23.69 -3.55
N THR B 166 -2.38 -22.45 -3.23
CA THR B 166 -3.29 -21.33 -3.36
C THR B 166 -3.49 -20.96 -4.82
N LYS B 167 -4.59 -20.27 -5.08
CA LYS B 167 -4.75 -19.60 -6.36
C LYS B 167 -3.86 -18.35 -6.40
N PRO B 168 -3.31 -18.01 -7.56
CA PRO B 168 -2.48 -16.81 -7.64
C PRO B 168 -3.27 -15.55 -7.33
N SER B 169 -2.61 -14.60 -6.70
CA SER B 169 -3.24 -13.35 -6.32
C SER B 169 -2.28 -12.20 -6.61
N LYS B 170 -2.82 -11.07 -7.06
CA LYS B 170 -2.00 -9.95 -7.49
C LYS B 170 -1.31 -9.30 -6.31
N GLN B 171 -0.02 -9.01 -6.46
CA GLN B 171 0.75 -8.31 -5.45
C GLN B 171 0.54 -6.81 -5.60
N SER B 172 1.27 -6.04 -4.78
CA SER B 172 1.21 -4.59 -4.87
C SER B 172 1.90 -4.06 -6.13
N ASN B 173 2.84 -4.82 -6.69
CA ASN B 173 3.56 -4.41 -7.90
C ASN B 173 2.90 -4.90 -9.18
N ASN B 174 1.63 -5.31 -9.11
CA ASN B 174 0.83 -5.81 -10.23
C ASN B 174 1.33 -7.15 -10.76
N LYS B 175 2.29 -7.79 -10.10
CA LYS B 175 2.66 -9.15 -10.38
C LYS B 175 1.92 -10.08 -9.43
N TYR B 176 2.11 -11.39 -9.60
CA TYR B 176 1.31 -12.38 -8.89
C TYR B 176 2.16 -13.16 -7.91
N ALA B 177 1.47 -13.76 -6.94
CA ALA B 177 2.10 -14.58 -5.91
C ALA B 177 1.20 -15.77 -5.60
N ALA B 178 1.82 -16.84 -5.11
CA ALA B 178 1.13 -18.06 -4.77
C ALA B 178 1.98 -18.85 -3.79
N SER B 179 1.34 -19.80 -3.12
CA SER B 179 2.03 -20.64 -2.14
C SER B 179 1.56 -22.08 -2.29
N SER B 180 2.49 -23.00 -2.11
CA SER B 180 2.19 -24.43 -2.06
C SER B 180 2.73 -25.00 -0.76
N TYR B 181 1.91 -25.80 -0.10
CA TYR B 181 2.25 -26.41 1.18
C TYR B 181 2.20 -27.92 1.04
N LEU B 182 3.26 -28.58 1.48
CA LEU B 182 3.34 -30.04 1.48
C LEU B 182 3.34 -30.49 2.94
N SER B 183 2.23 -31.08 3.37
CA SER B 183 2.07 -31.51 4.77
C SER B 183 2.41 -32.99 4.87
N LEU B 184 3.46 -33.32 5.63
CA LEU B 184 3.91 -34.68 5.81
C LEU B 184 4.05 -34.99 7.30
N THR B 185 4.14 -36.27 7.60
CA THR B 185 4.62 -36.69 8.91
C THR B 185 6.14 -36.54 8.95
N SER B 186 6.67 -36.48 10.17
CA SER B 186 8.13 -36.49 10.31
C SER B 186 8.73 -37.78 9.76
N ASP B 187 8.00 -38.88 9.88
CA ASP B 187 8.45 -40.15 9.31
C ASP B 187 8.65 -40.05 7.80
N GLN B 188 7.73 -39.37 7.11
CA GLN B 188 7.87 -39.22 5.66
C GLN B 188 9.05 -38.33 5.31
N TRP B 189 9.21 -37.21 6.02
CA TRP B 189 10.30 -36.29 5.73
C TRP B 189 11.66 -36.93 5.98
N LYS B 190 11.80 -37.69 7.05
CA LYS B 190 13.10 -38.27 7.40
C LYS B 190 13.40 -39.56 6.67
N SER B 191 12.44 -40.15 5.96
CA SER B 191 12.66 -41.36 5.17
C SER B 191 12.95 -41.05 3.70
N HIS B 192 13.14 -39.77 3.36
CA HIS B 192 13.52 -39.37 2.02
C HIS B 192 14.84 -38.60 2.09
N LYS B 193 15.59 -38.63 0.98
CA LYS B 193 16.84 -37.88 0.91
C LYS B 193 16.61 -36.41 0.57
N SER B 194 15.58 -36.10 -0.20
CA SER B 194 15.30 -34.72 -0.55
C SER B 194 13.86 -34.60 -1.04
N TYR B 195 13.36 -33.37 -1.00
CA TYR B 195 12.08 -33.01 -1.60
C TYR B 195 12.29 -31.79 -2.49
N SER B 196 11.45 -31.69 -3.52
CA SER B 196 11.60 -30.66 -4.53
C SER B 196 10.26 -30.03 -4.85
N CYS B 197 10.27 -28.71 -4.97
CA CYS B 197 9.14 -27.94 -5.49
C CYS B 197 9.50 -27.47 -6.88
N GLN B 198 8.66 -27.81 -7.86
CA GLN B 198 8.88 -27.48 -9.26
C GLN B 198 7.76 -26.56 -9.71
N VAL B 199 8.12 -25.32 -10.05
CA VAL B 199 7.17 -24.30 -10.45
C VAL B 199 7.34 -24.07 -11.94
N THR B 200 6.26 -24.30 -12.70
CA THR B 200 6.25 -24.12 -14.14
C THR B 200 5.43 -22.89 -14.47
N HIS B 201 6.03 -21.97 -15.23
CA HIS B 201 5.38 -20.74 -15.68
C HIS B 201 5.78 -20.52 -17.13
N GLU B 202 4.77 -20.39 -18.01
CA GLU B 202 5.00 -20.18 -19.44
C GLU B 202 5.94 -21.24 -20.02
N GLY B 203 5.73 -22.50 -19.63
CA GLY B 203 6.53 -23.59 -20.11
C GLY B 203 7.91 -23.71 -19.49
N SER B 204 8.37 -22.71 -18.74
CA SER B 204 9.68 -22.75 -18.10
C SER B 204 9.52 -23.21 -16.67
N THR B 205 10.27 -24.25 -16.30
CA THR B 205 10.17 -24.85 -14.97
C THR B 205 11.42 -24.56 -14.18
N VAL B 206 11.24 -24.03 -12.97
CA VAL B 206 12.32 -23.85 -12.00
C VAL B 206 12.09 -24.83 -10.86
N GLU B 207 13.18 -25.21 -10.20
CA GLU B 207 13.10 -26.25 -9.18
C GLU B 207 13.93 -25.84 -7.96
N LYS B 208 13.35 -26.02 -6.78
CA LYS B 208 14.07 -25.84 -5.53
C LYS B 208 14.01 -27.15 -4.75
N THR B 209 15.06 -27.42 -3.98
CA THR B 209 15.19 -28.70 -3.30
C THR B 209 15.69 -28.48 -1.87
N VAL B 210 15.04 -29.16 -0.92
CA VAL B 210 15.46 -29.16 0.47
C VAL B 210 15.68 -30.60 0.92
N ALA B 211 16.48 -30.74 1.97
CA ALA B 211 16.86 -32.05 2.49
C ALA B 211 16.94 -32.02 4.00
N PRO B 212 16.63 -33.13 4.66
CA PRO B 212 16.82 -33.20 6.11
C PRO B 212 18.26 -32.90 6.50
N ALA B 213 18.42 -32.00 7.46
CA ALA B 213 19.73 -31.53 7.86
C ALA B 213 20.25 -32.35 9.04
N GLU B 214 21.50 -32.82 8.94
CA GLU B 214 22.12 -33.52 10.06
C GLU B 214 22.51 -32.56 11.17
N CYS B 215 22.88 -31.33 10.82
CA CYS B 215 23.23 -30.26 11.75
C CYS B 215 24.49 -30.54 12.56
N SER B 216 24.81 -31.82 12.76
CA SER B 216 25.99 -32.21 13.53
C SER B 216 27.27 -31.87 12.77
N LEU C 1 -49.00 -8.03 1.18
CA LEU C 1 -47.70 -8.22 1.82
C LEU C 1 -46.70 -7.17 1.33
N LYS C 2 -45.41 -7.48 1.46
CA LYS C 2 -44.34 -6.59 0.99
C LYS C 2 -44.10 -6.82 -0.50
N SER C 3 -45.12 -6.50 -1.29
CA SER C 3 -45.11 -6.78 -2.72
C SER C 3 -44.38 -5.73 -3.55
N ASP C 4 -43.94 -4.63 -2.94
CA ASP C 4 -43.24 -3.57 -3.66
C ASP C 4 -42.16 -2.99 -2.74
N LYS C 5 -40.92 -3.45 -2.94
CA LYS C 5 -39.79 -3.06 -2.10
C LYS C 5 -39.40 -1.59 -2.27
N LYS C 6 -40.03 -0.86 -3.19
CA LYS C 6 -39.70 0.55 -3.38
C LYS C 6 -40.59 1.49 -2.58
N ILE C 7 -41.63 0.97 -1.93
CA ILE C 7 -42.66 1.80 -1.32
C ILE C 7 -42.40 1.92 0.18
N GLU C 8 -42.47 3.15 0.68
CA GLU C 8 -42.54 3.37 2.12
C GLU C 8 -43.94 3.03 2.61
N TYR C 9 -44.04 2.23 3.67
CA TYR C 9 -45.35 1.80 4.16
C TYR C 9 -45.65 2.28 5.57
N ASN C 10 -44.89 3.25 6.08
CA ASN C 10 -45.23 3.86 7.36
C ASN C 10 -46.53 4.64 7.21
N GLU C 11 -47.54 4.27 7.99
CA GLU C 11 -48.85 4.92 7.89
C GLU C 11 -48.78 6.40 8.25
N THR C 12 -47.79 6.81 9.05
CA THR C 12 -47.64 8.22 9.39
C THR C 12 -47.35 9.07 8.17
N TRP C 13 -46.74 8.48 7.13
CA TRP C 13 -46.39 9.23 5.92
C TRP C 13 -47.58 9.43 4.99
N TYR C 14 -48.62 8.61 5.11
CA TYR C 14 -49.80 8.71 4.24
C TYR C 14 -51.05 9.20 4.96
N SER C 15 -51.16 8.96 6.27
CA SER C 15 -52.36 9.32 7.04
C SER C 15 -51.95 9.97 8.36
N ARG C 16 -51.14 11.03 8.24
CA ARG C 16 -50.75 11.86 9.38
C ARG C 16 -49.92 13.06 8.90
N GLU D 1 15.42 -13.06 -10.57
CA GLU D 1 15.28 -11.64 -10.29
C GLU D 1 16.46 -11.09 -9.50
N VAL D 2 16.93 -9.91 -9.89
CA VAL D 2 18.07 -9.28 -9.25
C VAL D 2 17.60 -8.61 -7.97
N GLN D 3 18.38 -8.78 -6.89
CA GLN D 3 18.12 -8.10 -5.63
C GLN D 3 19.39 -7.46 -5.11
N LEU D 4 19.25 -6.24 -4.59
CA LEU D 4 20.33 -5.50 -3.95
C LEU D 4 19.81 -5.04 -2.59
N VAL D 5 20.15 -5.77 -1.54
CA VAL D 5 19.61 -5.52 -0.20
C VAL D 5 20.66 -4.77 0.60
N GLU D 6 20.31 -3.59 1.08
CA GLU D 6 21.25 -2.71 1.77
C GLU D 6 21.07 -2.81 3.28
N SER D 7 22.15 -2.45 4.00
CA SER D 7 22.15 -2.47 5.45
C SER D 7 23.12 -1.40 5.95
N GLY D 8 23.00 -1.07 7.22
CA GLY D 8 23.85 -0.06 7.82
C GLY D 8 23.17 1.30 7.92
N GLY D 9 23.96 2.37 7.82
CA GLY D 9 23.41 3.71 7.87
C GLY D 9 23.08 4.14 9.28
N GLY D 10 22.13 5.07 9.37
CA GLY D 10 21.68 5.56 10.66
C GLY D 10 22.17 6.96 10.98
N LEU D 11 22.30 7.26 12.27
CA LEU D 11 22.63 8.60 12.74
C LEU D 11 24.09 8.66 13.19
N ALA D 12 24.74 9.77 12.85
CA ALA D 12 26.11 10.03 13.28
C ALA D 12 26.28 11.52 13.54
N LYS D 13 27.34 11.85 14.27
CA LYS D 13 27.69 13.23 14.54
C LYS D 13 28.69 13.74 13.50
N PRO D 14 28.77 15.06 13.31
CA PRO D 14 29.76 15.61 12.37
C PRO D 14 31.17 15.18 12.75
N GLY D 15 31.85 14.53 11.79
CA GLY D 15 33.15 13.94 12.03
C GLY D 15 33.13 12.46 12.31
N GLY D 16 31.95 11.88 12.54
CA GLY D 16 31.82 10.47 12.84
C GLY D 16 31.98 9.60 11.61
N SER D 17 31.66 8.32 11.79
CA SER D 17 31.81 7.33 10.73
C SER D 17 30.61 6.39 10.74
N LEU D 18 30.25 5.90 9.54
CA LEU D 18 29.18 4.93 9.40
C LEU D 18 29.53 3.99 8.25
N ARG D 19 29.14 2.73 8.37
CA ARG D 19 29.41 1.74 7.34
C ARG D 19 28.11 1.29 6.69
N LEU D 20 28.07 1.35 5.36
CA LEU D 20 26.95 0.85 4.58
C LEU D 20 27.37 -0.45 3.90
N SER D 21 26.39 -1.32 3.65
CA SER D 21 26.65 -2.58 2.99
C SER D 21 25.53 -2.88 2.00
N CYS D 22 25.88 -3.62 0.96
CA CYS D 22 24.95 -4.00 -0.11
C CYS D 22 25.21 -5.45 -0.48
N ALA D 23 24.17 -6.29 -0.41
CA ALA D 23 24.27 -7.70 -0.75
C ALA D 23 23.52 -7.94 -2.05
N ALA D 24 24.21 -8.53 -3.03
CA ALA D 24 23.70 -8.68 -4.38
C ALA D 24 23.34 -10.12 -4.68
N SER D 25 22.32 -10.29 -5.50
CA SER D 25 21.93 -11.62 -5.96
C SER D 25 21.14 -11.48 -7.25
N GLY D 26 21.00 -12.60 -7.96
CA GLY D 26 20.27 -12.64 -9.20
C GLY D 26 21.07 -12.31 -10.44
N PHE D 27 22.37 -12.07 -10.31
CA PHE D 27 23.22 -11.76 -11.45
C PHE D 27 24.65 -12.15 -11.13
N THR D 28 25.51 -12.08 -12.14
CA THR D 28 26.94 -12.35 -11.97
C THR D 28 27.58 -11.12 -11.37
N PHE D 29 27.77 -11.13 -10.05
CA PHE D 29 28.35 -9.99 -9.36
C PHE D 29 29.73 -9.65 -9.90
N SER D 30 30.58 -10.66 -10.06
CA SER D 30 31.96 -10.43 -10.49
C SER D 30 32.06 -9.87 -11.90
N ARG D 31 30.95 -9.77 -12.63
CA ARG D 31 30.98 -9.28 -14.00
C ARG D 31 30.67 -7.79 -14.11
N TYR D 32 30.13 -7.18 -13.07
CA TYR D 32 29.67 -5.80 -13.13
C TYR D 32 30.36 -4.94 -12.07
N ALA D 33 30.53 -3.66 -12.40
CA ALA D 33 30.92 -2.66 -11.41
C ALA D 33 29.68 -2.09 -10.75
N ILE D 34 29.82 -1.73 -9.46
CA ILE D 34 28.69 -1.29 -8.66
C ILE D 34 28.98 0.08 -8.08
N HIS D 35 27.96 0.94 -8.04
CA HIS D 35 28.09 2.33 -7.63
C HIS D 35 27.21 2.60 -6.40
N TRP D 36 27.45 3.75 -5.79
CA TRP D 36 26.59 4.33 -4.77
C TRP D 36 26.05 5.65 -5.28
N VAL D 37 24.76 5.89 -5.05
CA VAL D 37 24.11 7.14 -5.44
C VAL D 37 23.26 7.61 -4.28
N ARG D 38 23.46 8.85 -3.84
CA ARG D 38 22.71 9.38 -2.71
C ARG D 38 21.71 10.41 -3.19
N GLN D 39 20.74 10.70 -2.31
CA GLN D 39 19.68 11.66 -2.60
C GLN D 39 19.31 12.32 -1.27
N ALA D 40 19.62 13.61 -1.14
CA ALA D 40 19.23 14.34 0.04
C ALA D 40 17.71 14.48 0.08
N PRO D 41 17.11 14.66 1.26
CA PRO D 41 15.65 14.74 1.35
C PRO D 41 15.08 15.86 0.49
N GLY D 42 14.19 15.48 -0.42
CA GLY D 42 13.57 16.44 -1.31
C GLY D 42 14.45 16.96 -2.42
N LYS D 43 15.61 16.36 -2.65
CA LYS D 43 16.56 16.82 -3.66
C LYS D 43 16.77 15.73 -4.71
N GLY D 44 17.72 15.96 -5.61
CA GLY D 44 17.97 15.07 -6.72
C GLY D 44 19.09 14.07 -6.43
N LEU D 45 19.39 13.29 -7.45
CA LEU D 45 20.39 12.23 -7.34
C LEU D 45 21.79 12.80 -7.45
N GLU D 46 22.74 12.12 -6.81
CA GLU D 46 24.16 12.47 -6.90
C GLU D 46 24.98 11.19 -6.78
N TRP D 47 25.90 11.01 -7.71
CA TRP D 47 26.77 9.84 -7.70
C TRP D 47 27.87 10.01 -6.66
N VAL D 48 28.15 8.93 -5.92
CA VAL D 48 29.09 8.98 -4.81
C VAL D 48 30.41 8.33 -5.15
N SER D 49 30.39 7.01 -5.31
CA SER D 49 31.61 6.23 -5.54
C SER D 49 31.26 5.00 -6.35
N VAL D 50 32.30 4.34 -6.87
CA VAL D 50 32.14 3.11 -7.64
C VAL D 50 33.27 2.17 -7.30
N ILE D 51 32.96 0.87 -7.22
CA ILE D 51 33.95 -0.19 -7.15
C ILE D 51 33.76 -1.07 -8.37
N SER D 52 34.87 -1.39 -9.04
CA SER D 52 34.84 -2.16 -10.27
C SER D 52 34.96 -3.65 -9.98
N SER D 53 34.86 -4.44 -11.04
CA SER D 53 35.00 -5.88 -10.89
C SER D 53 36.39 -6.25 -10.37
N GLY D 54 37.43 -5.58 -10.87
CA GLY D 54 38.79 -5.89 -10.46
C GLY D 54 39.22 -5.23 -9.18
N GLY D 55 38.50 -4.20 -8.73
CA GLY D 55 38.82 -3.55 -7.47
C GLY D 55 39.14 -2.08 -7.59
N SER D 56 38.92 -1.50 -8.77
CA SER D 56 39.20 -0.08 -8.97
C SER D 56 38.16 0.77 -8.25
N THR D 57 38.62 1.62 -7.33
CA THR D 57 37.75 2.45 -6.50
C THR D 57 37.85 3.89 -6.96
N TYR D 58 36.72 4.47 -7.37
CA TYR D 58 36.65 5.86 -7.77
C TYR D 58 35.61 6.58 -6.91
N TYR D 59 35.85 7.87 -6.67
CA TYR D 59 35.03 8.65 -5.76
C TYR D 59 34.69 10.01 -6.37
N ALA D 60 33.56 10.57 -5.95
CA ALA D 60 33.24 11.95 -6.28
C ALA D 60 34.12 12.90 -5.49
N ASP D 61 34.25 14.13 -6.00
CA ASP D 61 35.15 15.10 -5.38
C ASP D 61 34.72 15.42 -3.95
N SER D 62 33.41 15.45 -3.70
CA SER D 62 32.90 15.83 -2.39
C SER D 62 33.12 14.75 -1.33
N VAL D 63 33.51 13.53 -1.72
CA VAL D 63 33.72 12.45 -0.78
C VAL D 63 35.12 11.87 -0.83
N GLU D 64 35.96 12.30 -1.77
CA GLU D 64 37.31 11.76 -1.86
C GLU D 64 38.12 12.09 -0.62
N GLY D 65 38.81 11.09 -0.08
CA GLY D 65 39.56 11.23 1.14
C GLY D 65 38.79 10.89 2.39
N ARG D 66 37.47 10.92 2.35
CA ARG D 66 36.62 10.59 3.49
C ARG D 66 35.91 9.25 3.36
N PHE D 67 35.56 8.85 2.14
CA PHE D 67 34.82 7.62 1.90
C PHE D 67 35.74 6.57 1.31
N THR D 68 35.46 5.31 1.62
CA THR D 68 36.24 4.18 1.10
C THR D 68 35.29 3.07 0.70
N ILE D 69 35.31 2.70 -0.57
CA ILE D 69 34.45 1.64 -1.10
C ILE D 69 35.26 0.35 -1.20
N SER D 70 34.63 -0.77 -0.87
CA SER D 70 35.27 -2.07 -0.92
C SER D 70 34.25 -3.10 -1.37
N ARG D 71 34.75 -4.26 -1.82
CA ARG D 71 33.89 -5.24 -2.46
C ARG D 71 34.46 -6.64 -2.27
N ASP D 72 33.58 -7.61 -2.04
CA ASP D 72 33.93 -9.02 -1.92
C ASP D 72 33.14 -9.79 -2.98
N ASN D 73 33.85 -10.36 -3.96
CA ASN D 73 33.20 -11.06 -5.06
C ASN D 73 32.85 -12.50 -4.69
N SER D 74 33.60 -13.10 -3.76
CA SER D 74 33.25 -14.45 -3.31
C SER D 74 32.04 -14.44 -2.38
N LYS D 75 31.87 -13.37 -1.59
CA LYS D 75 30.71 -13.22 -0.73
C LYS D 75 29.57 -12.46 -1.40
N ASN D 76 29.82 -11.83 -2.55
CA ASN D 76 28.82 -11.07 -3.30
C ASN D 76 28.35 -9.84 -2.53
N THR D 77 29.26 -9.20 -1.80
CA THR D 77 28.90 -8.05 -0.96
C THR D 77 29.73 -6.82 -1.32
N LEU D 78 29.24 -5.68 -0.86
CA LEU D 78 29.87 -4.38 -1.08
C LEU D 78 29.76 -3.58 0.21
N SER D 79 30.81 -2.83 0.54
CA SER D 79 30.79 -1.97 1.71
C SER D 79 31.27 -0.57 1.33
N LEU D 80 30.72 0.42 2.03
CA LEU D 80 31.14 1.82 1.89
C LEU D 80 31.33 2.39 3.29
N GLN D 81 32.58 2.68 3.64
CA GLN D 81 32.93 3.25 4.93
C GLN D 81 33.01 4.77 4.80
N MET D 82 32.26 5.47 5.66
CA MET D 82 32.15 6.92 5.65
C MET D 82 32.83 7.46 6.90
N ASN D 83 34.02 8.00 6.74
CA ASN D 83 34.72 8.70 7.80
C ASN D 83 34.63 10.20 7.59
N SER D 84 34.89 10.96 8.66
CA SER D 84 34.84 12.41 8.63
C SER D 84 33.52 12.91 8.03
N LEU D 85 32.42 12.39 8.57
CA LEU D 85 31.10 12.69 8.02
C LEU D 85 30.76 14.16 8.20
N ARG D 86 30.14 14.74 7.19
CA ARG D 86 29.62 16.11 7.24
C ARG D 86 28.09 16.08 7.18
N THR D 87 27.49 17.19 7.61
CA THR D 87 26.03 17.31 7.57
C THR D 87 25.51 17.12 6.16
N GLU D 88 26.24 17.61 5.16
CA GLU D 88 25.83 17.49 3.76
C GLU D 88 25.80 16.04 3.27
N ASP D 89 26.34 15.10 4.03
CA ASP D 89 26.24 13.70 3.68
C ASP D 89 24.87 13.10 4.01
N THR D 90 24.01 13.83 4.72
CA THR D 90 22.68 13.35 5.06
C THR D 90 21.88 13.08 3.79
N ALA D 91 21.52 11.82 3.58
CA ALA D 91 20.82 11.44 2.35
C ALA D 91 20.38 9.99 2.45
N VAL D 92 19.49 9.60 1.53
CA VAL D 92 19.21 8.19 1.28
C VAL D 92 20.23 7.69 0.28
N TYR D 93 20.89 6.58 0.61
CA TYR D 93 21.93 6.01 -0.23
C TYR D 93 21.43 4.73 -0.88
N TYR D 94 21.71 4.59 -2.17
CA TYR D 94 21.33 3.43 -2.96
C TYR D 94 22.57 2.80 -3.55
N CYS D 95 22.71 1.48 -3.41
CA CYS D 95 23.69 0.74 -4.18
C CYS D 95 23.06 0.37 -5.51
N ALA D 96 23.73 0.73 -6.61
CA ALA D 96 23.19 0.59 -7.95
C ALA D 96 24.11 -0.25 -8.80
N LYS D 97 23.54 -1.22 -9.52
CA LYS D 97 24.30 -2.07 -10.41
C LYS D 97 24.43 -1.41 -11.78
N ASP D 98 25.63 -1.45 -12.34
CA ASP D 98 25.84 -0.91 -13.67
C ASP D 98 25.13 -1.77 -14.71
N ALA D 99 24.50 -1.10 -15.68
CA ALA D 99 23.75 -1.82 -16.72
C ALA D 99 24.64 -2.47 -17.76
N THR D 100 25.90 -2.08 -17.83
CA THR D 100 26.84 -2.63 -18.80
C THR D 100 27.97 -3.36 -18.08
N PRO D 101 28.23 -4.62 -18.40
CA PRO D 101 29.39 -5.31 -17.81
C PRO D 101 30.68 -4.66 -18.29
N TYR D 102 31.79 -5.05 -17.66
CA TYR D 102 33.08 -4.52 -18.08
C TYR D 102 33.35 -4.92 -19.53
N TYR D 103 34.07 -4.06 -20.24
CA TYR D 103 34.33 -4.33 -21.65
C TYR D 103 35.74 -3.90 -22.02
N TYR D 104 36.40 -4.71 -22.83
CA TYR D 104 37.72 -4.41 -23.35
C TYR D 104 37.55 -3.65 -24.66
N SER D 105 38.12 -2.45 -24.74
CA SER D 105 38.05 -1.64 -25.94
C SER D 105 39.45 -1.16 -26.31
N GLY D 106 39.87 -1.44 -27.53
CA GLY D 106 41.20 -1.09 -27.99
C GLY D 106 42.29 -1.79 -27.20
N GLY D 107 42.61 -1.25 -26.03
CA GLY D 107 43.58 -1.86 -25.16
C GLY D 107 43.29 -1.58 -23.70
N TYR D 108 42.14 -0.97 -23.44
CA TYR D 108 41.76 -0.55 -22.09
C TYR D 108 40.56 -1.33 -21.59
N TRP D 109 40.53 -1.54 -20.27
CA TRP D 109 39.45 -2.27 -19.60
C TRP D 109 38.51 -1.24 -18.99
N TYR D 110 37.36 -1.03 -19.63
CA TYR D 110 36.36 -0.10 -19.14
C TYR D 110 35.44 -0.82 -18.17
N VAL D 111 35.21 -0.20 -17.02
CA VAL D 111 34.51 -0.87 -15.94
C VAL D 111 33.00 -0.86 -16.16
N GLY D 112 32.52 0.02 -17.02
CA GLY D 112 31.10 0.09 -17.29
C GLY D 112 30.79 1.39 -18.02
N ASN D 113 29.49 1.68 -18.11
CA ASN D 113 29.01 2.86 -18.81
C ASN D 113 28.23 3.80 -17.90
N TYR D 114 28.28 3.58 -16.59
CA TYR D 114 27.69 4.47 -15.59
C TYR D 114 26.18 4.67 -15.82
N SER D 115 25.52 3.62 -16.32
CA SER D 115 24.07 3.52 -16.30
C SER D 115 23.69 2.47 -15.26
N PHE D 116 22.60 2.73 -14.54
CA PHE D 116 22.27 1.96 -13.34
C PHE D 116 21.04 1.11 -13.63
N ASP D 117 21.27 -0.20 -13.80
CA ASP D 117 20.19 -1.12 -14.15
C ASP D 117 19.24 -1.33 -12.98
N TYR D 118 19.76 -1.77 -11.84
CA TYR D 118 18.96 -2.07 -10.67
C TYR D 118 19.45 -1.25 -9.48
N TRP D 119 18.49 -0.91 -8.62
CA TRP D 119 18.74 -0.05 -7.46
C TRP D 119 18.33 -0.76 -6.18
N GLY D 120 19.11 -0.53 -5.12
CA GLY D 120 18.73 -1.01 -3.81
C GLY D 120 17.57 -0.22 -3.24
N GLN D 121 17.10 -0.67 -2.08
CA GLN D 121 15.95 -0.05 -1.43
C GLN D 121 16.30 1.29 -0.78
N GLY D 122 17.58 1.59 -0.61
CA GLY D 122 17.99 2.85 -0.02
C GLY D 122 18.02 2.83 1.48
N VAL D 123 19.08 3.34 2.09
CA VAL D 123 19.22 3.44 3.53
C VAL D 123 19.45 4.89 3.91
N LEU D 124 18.84 5.33 5.01
CA LEU D 124 18.93 6.71 5.45
C LEU D 124 20.18 6.93 6.28
N VAL D 125 20.96 7.94 5.92
CA VAL D 125 22.11 8.39 6.69
C VAL D 125 21.83 9.82 7.12
N THR D 126 21.86 10.07 8.44
CA THR D 126 21.61 11.38 9.00
C THR D 126 22.83 11.80 9.82
N VAL D 127 23.44 12.91 9.44
CA VAL D 127 24.60 13.47 10.14
C VAL D 127 24.15 14.76 10.80
N SER D 128 24.13 14.76 12.14
CA SER D 128 23.70 15.93 12.89
C SER D 128 24.41 15.96 14.22
N SER D 129 24.66 17.17 14.72
CA SER D 129 25.28 17.32 16.03
C SER D 129 24.33 16.94 17.16
N ALA D 130 23.02 16.91 16.89
CA ALA D 130 22.05 16.46 17.88
C ALA D 130 22.03 14.94 17.95
N SER D 131 21.86 14.42 19.16
CA SER D 131 21.79 12.98 19.37
C SER D 131 20.33 12.51 19.36
N THR D 132 20.16 11.20 19.19
CA THR D 132 18.81 10.65 19.07
C THR D 132 17.99 10.94 20.33
N LYS D 133 16.68 11.05 20.13
CA LYS D 133 15.77 11.39 21.23
C LYS D 133 14.43 10.74 20.97
N GLY D 134 13.96 9.94 21.92
CA GLY D 134 12.68 9.27 21.81
C GLY D 134 11.52 10.23 21.97
N PRO D 135 10.36 9.84 21.45
CA PRO D 135 9.20 10.75 21.47
C PRO D 135 8.36 10.60 22.74
N SER D 136 7.57 11.65 22.98
CA SER D 136 6.48 11.59 23.96
C SER D 136 5.18 11.31 23.22
N VAL D 137 4.39 10.38 23.74
CA VAL D 137 3.15 9.98 23.10
C VAL D 137 1.99 10.50 23.94
N PHE D 138 1.12 11.29 23.31
CA PHE D 138 -0.03 11.84 23.99
C PHE D 138 -1.31 11.39 23.33
N PRO D 139 -2.37 11.15 24.09
CA PRO D 139 -3.64 10.76 23.49
C PRO D 139 -4.41 11.98 22.97
N LEU D 140 -5.02 11.81 21.80
CA LEU D 140 -5.88 12.82 21.19
C LEU D 140 -7.30 12.27 21.27
N ALA D 141 -8.09 12.83 22.18
CA ALA D 141 -9.46 12.40 22.30
C ALA D 141 -10.42 13.53 21.93
N PRO D 142 -11.57 13.19 21.36
CA PRO D 142 -12.57 14.23 21.08
C PRO D 142 -13.34 14.61 22.34
N SER D 143 -12.79 15.57 23.10
CA SER D 143 -13.42 15.97 24.36
C SER D 143 -14.84 16.46 24.11
N SER D 144 -15.81 15.81 24.77
CA SER D 144 -17.24 16.04 24.54
C SER D 144 -17.61 15.71 23.10
N ARG D 145 -18.91 15.73 22.81
CA ARG D 145 -19.38 15.40 21.47
C ARG D 145 -20.86 15.72 21.32
N SER D 146 -21.65 14.69 21.03
CA SER D 146 -23.09 14.79 20.89
C SER D 146 -23.65 13.38 20.76
N THR D 147 -24.79 13.14 21.39
CA THR D 147 -25.40 11.81 21.31
C THR D 147 -25.78 11.45 19.88
N SER D 148 -26.03 12.45 19.04
CA SER D 148 -26.37 12.22 17.64
C SER D 148 -25.16 11.91 16.77
N GLU D 149 -23.94 12.15 17.27
CA GLU D 149 -22.74 11.89 16.48
C GLU D 149 -22.38 10.41 16.58
N SER D 150 -22.49 9.70 15.46
CA SER D 150 -22.28 8.26 15.43
C SER D 150 -20.81 7.86 15.31
N THR D 151 -19.92 8.80 14.99
CA THR D 151 -18.51 8.50 14.80
C THR D 151 -17.66 9.42 15.66
N ALA D 152 -16.45 8.98 15.95
CA ALA D 152 -15.52 9.75 16.77
C ALA D 152 -14.11 9.51 16.29
N ALA D 153 -13.32 10.59 16.26
CA ALA D 153 -11.92 10.53 15.83
C ALA D 153 -11.02 10.50 17.06
N LEU D 154 -10.28 9.40 17.21
CA LEU D 154 -9.25 9.27 18.24
C LEU D 154 -7.88 9.33 17.58
N GLY D 155 -6.86 9.63 18.37
CA GLY D 155 -5.55 9.76 17.77
C GLY D 155 -4.44 9.71 18.79
N CYS D 156 -3.22 9.77 18.27
CA CYS D 156 -2.00 9.80 19.06
C CYS D 156 -1.08 10.85 18.48
N LEU D 157 -0.52 11.68 19.37
CA LEU D 157 0.47 12.68 19.02
C LEU D 157 1.84 12.16 19.44
N VAL D 158 2.72 11.95 18.46
CA VAL D 158 4.08 11.49 18.69
C VAL D 158 4.98 12.72 18.55
N LYS D 159 5.51 13.20 19.66
CA LYS D 159 6.03 14.56 19.76
C LYS D 159 7.50 14.56 20.15
N ASP D 160 8.27 15.45 19.51
CA ASP D 160 9.63 15.78 19.92
C ASP D 160 10.55 14.55 19.88
N TYR D 161 10.70 14.00 18.68
CA TYR D 161 11.60 12.88 18.46
C TYR D 161 12.60 13.22 17.36
N PHE D 162 13.75 12.55 17.42
CA PHE D 162 14.80 12.71 16.43
C PHE D 162 15.66 11.46 16.44
N PRO D 163 16.06 10.95 15.26
CA PRO D 163 15.70 11.41 13.92
C PRO D 163 14.52 10.63 13.37
N GLU D 164 14.19 10.81 12.09
CA GLU D 164 13.24 9.94 11.44
C GLU D 164 13.84 8.54 11.27
N PRO D 165 13.00 7.51 11.10
CA PRO D 165 11.53 7.51 10.98
C PRO D 165 10.80 7.02 12.23
N VAL D 166 9.48 7.11 12.19
CA VAL D 166 8.61 6.54 13.22
C VAL D 166 7.49 5.79 12.52
N THR D 167 7.11 4.63 13.07
CA THR D 167 5.96 3.89 12.54
C THR D 167 4.88 3.81 13.60
N VAL D 168 3.62 3.81 13.15
CA VAL D 168 2.47 3.78 14.04
C VAL D 168 1.49 2.72 13.54
N SER D 169 0.97 1.92 14.46
CA SER D 169 -0.13 1.00 14.18
C SER D 169 -1.18 1.16 15.27
N TRP D 170 -2.34 0.54 15.05
CA TRP D 170 -3.44 0.62 15.99
C TRP D 170 -3.89 -0.78 16.37
N ASN D 171 -4.04 -1.02 17.67
CA ASN D 171 -4.40 -2.33 18.22
C ASN D 171 -3.52 -3.43 17.63
N SER D 172 -2.21 -3.18 17.64
CA SER D 172 -1.21 -4.14 17.18
C SER D 172 -1.44 -4.57 15.75
N GLY D 173 -1.89 -3.63 14.91
CA GLY D 173 -2.10 -3.88 13.50
C GLY D 173 -3.44 -4.48 13.15
N SER D 174 -4.32 -4.74 14.12
CA SER D 174 -5.64 -5.29 13.81
C SER D 174 -6.64 -4.22 13.42
N LEU D 175 -6.34 -2.94 13.65
CA LEU D 175 -7.21 -1.84 13.27
C LEU D 175 -6.52 -1.02 12.20
N THR D 176 -6.99 -1.15 10.97
CA THR D 176 -6.39 -0.47 9.82
C THR D 176 -7.36 0.42 9.05
N SER D 177 -8.64 0.08 9.01
CA SER D 177 -9.59 0.86 8.23
C SER D 177 -9.86 2.20 8.90
N GLY D 178 -9.82 3.27 8.12
CA GLY D 178 -10.02 4.60 8.69
C GLY D 178 -8.84 5.14 9.45
N VAL D 179 -7.67 4.53 9.30
CA VAL D 179 -6.45 4.99 9.96
C VAL D 179 -5.69 5.89 8.99
N HIS D 180 -5.36 7.09 9.46
CA HIS D 180 -4.54 8.04 8.71
C HIS D 180 -3.38 8.46 9.59
N THR D 181 -2.17 8.03 9.23
CA THR D 181 -0.95 8.46 9.91
C THR D 181 -0.28 9.51 9.03
N PHE D 182 -0.05 10.69 9.61
CA PHE D 182 0.37 11.84 8.83
C PHE D 182 1.88 11.98 8.80
N PRO D 183 2.42 12.45 7.68
CA PRO D 183 3.85 12.79 7.63
C PRO D 183 4.21 13.79 8.73
N ALA D 184 5.42 13.63 9.28
CA ALA D 184 5.83 14.42 10.42
C ALA D 184 6.15 15.86 10.02
N VAL D 185 6.00 16.75 10.99
CA VAL D 185 6.45 18.14 10.85
C VAL D 185 7.87 18.24 11.40
N LEU D 186 8.67 19.09 10.76
CA LEU D 186 10.03 19.37 11.21
C LEU D 186 9.98 20.72 11.93
N GLN D 187 10.05 20.69 13.25
CA GLN D 187 10.01 21.93 14.02
C GLN D 187 11.28 22.74 13.82
N SER D 188 11.21 24.02 14.20
CA SER D 188 12.38 24.88 14.11
C SER D 188 13.50 24.42 15.03
N SER D 189 13.17 23.68 16.10
CA SER D 189 14.17 23.15 17.01
C SER D 189 14.94 21.97 16.44
N GLY D 190 14.54 21.47 15.28
CA GLY D 190 15.19 20.33 14.66
C GLY D 190 14.54 18.99 14.95
N LEU D 191 13.66 18.92 15.94
CA LEU D 191 12.98 17.68 16.26
C LEU D 191 11.78 17.47 15.34
N TYR D 192 11.13 16.32 15.47
CA TYR D 192 10.01 15.93 14.64
C TYR D 192 8.76 15.66 15.47
N SER D 193 7.60 15.79 14.83
CA SER D 193 6.34 15.46 15.46
C SER D 193 5.39 14.97 14.38
N LEU D 194 4.68 13.89 14.68
CA LEU D 194 3.63 13.39 13.79
C LEU D 194 2.39 13.07 14.61
N SER D 195 1.31 12.74 13.90
CA SER D 195 0.05 12.37 14.52
C SER D 195 -0.59 11.25 13.70
N SER D 196 -1.28 10.35 14.40
CA SER D 196 -2.06 9.31 13.77
C SER D 196 -3.49 9.38 14.28
N VAL D 197 -4.46 9.19 13.38
CA VAL D 197 -5.87 9.35 13.73
C VAL D 197 -6.68 8.21 13.13
N VAL D 198 -7.70 7.77 13.87
CA VAL D 198 -8.60 6.72 13.41
C VAL D 198 -10.03 7.13 13.78
N THR D 199 -10.96 6.93 12.86
CA THR D 199 -12.37 7.23 13.08
C THR D 199 -13.09 5.92 13.39
N VAL D 200 -13.77 5.88 14.52
CA VAL D 200 -14.39 4.65 15.02
C VAL D 200 -15.85 4.95 15.32
N PRO D 201 -16.68 3.91 15.42
CA PRO D 201 -18.08 4.14 15.80
C PRO D 201 -18.18 4.56 17.27
N SER D 202 -19.00 5.58 17.52
CA SER D 202 -19.22 6.03 18.89
C SER D 202 -19.79 4.91 19.76
N SER D 203 -20.67 4.09 19.19
CA SER D 203 -21.30 3.00 19.94
C SER D 203 -20.28 2.01 20.51
N SER D 204 -19.10 1.92 19.90
CA SER D 204 -18.07 1.01 20.37
C SER D 204 -17.11 1.64 21.36
N LEU D 205 -17.36 2.88 21.76
CA LEU D 205 -16.41 3.57 22.64
C LEU D 205 -16.45 3.07 24.08
N GLY D 206 -17.45 2.27 24.44
CA GLY D 206 -17.50 1.72 25.78
C GLY D 206 -17.20 0.23 25.80
N THR D 207 -17.04 -0.36 24.62
CA THR D 207 -16.81 -1.80 24.50
C THR D 207 -15.44 -2.15 23.97
N GLN D 208 -14.84 -1.29 23.13
CA GLN D 208 -13.57 -1.60 22.49
C GLN D 208 -12.49 -0.64 22.96
N THR D 209 -11.29 -1.18 23.21
CA THR D 209 -10.14 -0.36 23.55
C THR D 209 -9.37 -0.02 22.29
N TYR D 210 -8.82 1.19 22.26
CA TYR D 210 -8.04 1.68 21.12
C TYR D 210 -6.66 2.06 21.63
N VAL D 211 -5.65 1.31 21.20
CA VAL D 211 -4.27 1.52 21.61
C VAL D 211 -3.45 1.82 20.37
N CYS D 212 -2.66 2.89 20.43
CA CYS D 212 -1.71 3.18 19.36
C CYS D 212 -0.34 2.66 19.77
N ASN D 213 0.32 2.01 18.81
CA ASN D 213 1.65 1.44 18.96
C ASN D 213 2.63 2.27 18.15
N VAL D 214 3.62 2.86 18.83
CA VAL D 214 4.58 3.78 18.25
C VAL D 214 5.95 3.13 18.33
N ASN D 215 6.60 2.99 17.18
CA ASN D 215 7.94 2.40 17.10
C ASN D 215 8.90 3.46 16.57
N HIS D 216 9.89 3.81 17.38
CA HIS D 216 10.98 4.71 16.99
C HIS D 216 12.26 3.90 17.11
N LYS D 217 12.59 3.18 16.04
CA LYS D 217 13.81 2.38 16.02
C LYS D 217 15.10 3.18 16.23
N PRO D 218 15.28 4.38 15.65
CA PRO D 218 16.55 5.11 15.87
C PRO D 218 16.89 5.35 17.33
N SER D 219 15.90 5.49 18.20
CA SER D 219 16.13 5.59 19.64
C SER D 219 15.85 4.27 20.36
N ASN D 220 15.52 3.21 19.64
CA ASN D 220 15.17 1.92 20.22
C ASN D 220 14.07 2.07 21.26
N THR D 221 13.00 2.76 20.86
CA THR D 221 11.88 3.03 21.76
C THR D 221 10.59 2.48 21.16
N LYS D 222 9.79 1.85 22.02
CA LYS D 222 8.45 1.40 21.67
C LYS D 222 7.49 1.91 22.74
N VAL D 223 6.37 2.47 22.31
CA VAL D 223 5.36 3.00 23.23
C VAL D 223 3.98 2.49 22.82
N ASP D 224 3.25 1.94 23.77
CA ASP D 224 1.83 1.62 23.59
C ASP D 224 1.01 2.56 24.45
N LYS D 225 0.04 3.22 23.83
CA LYS D 225 -0.77 4.22 24.54
C LYS D 225 -2.24 4.00 24.23
N ARG D 226 -3.04 3.74 25.27
CA ARG D 226 -4.48 3.64 25.10
C ARG D 226 -5.10 5.02 25.03
N VAL D 227 -6.01 5.21 24.07
CA VAL D 227 -6.68 6.48 23.86
C VAL D 227 -8.12 6.31 24.31
N GLU D 228 -8.47 6.96 25.42
CA GLU D 228 -9.81 6.91 25.99
C GLU D 228 -10.50 8.26 25.79
N ILE D 229 -11.80 8.26 26.00
CA ILE D 229 -12.56 9.50 26.04
C ILE D 229 -12.53 10.03 27.48
N LYS D 230 -12.32 11.34 27.62
CA LYS D 230 -12.16 11.94 28.93
C LYS D 230 -13.51 12.34 29.51
N THR D 231 -13.68 12.09 30.81
CA THR D 231 -14.92 12.40 31.49
C THR D 231 -14.66 12.84 32.92
N GLN E 1 30.33 26.07 -16.48
CA GLN E 1 30.01 24.93 -15.63
C GLN E 1 29.42 23.78 -16.44
N SER E 2 29.24 22.63 -15.78
CA SER E 2 28.65 21.44 -16.41
C SER E 2 27.53 20.95 -15.51
N VAL E 3 26.41 21.69 -15.50
CA VAL E 3 25.20 21.29 -14.80
C VAL E 3 24.18 20.85 -15.83
N LEU E 4 23.56 19.70 -15.60
CA LEU E 4 22.48 19.23 -16.45
C LEU E 4 21.20 19.94 -16.05
N THR E 5 20.60 20.66 -16.99
CA THR E 5 19.46 21.53 -16.71
C THR E 5 18.18 20.87 -17.20
N GLN E 6 17.24 20.67 -16.28
CA GLN E 6 15.90 20.20 -16.59
C GLN E 6 14.87 21.19 -16.05
N PRO E 7 13.78 21.43 -16.77
CA PRO E 7 12.69 22.22 -16.21
C PRO E 7 12.19 21.60 -14.91
N PRO E 8 11.98 22.42 -13.88
CA PRO E 8 11.57 21.84 -12.58
C PRO E 8 10.26 21.09 -12.62
N SER E 9 9.33 21.50 -13.48
CA SER E 9 8.01 20.89 -13.52
C SER E 9 7.58 20.67 -14.97
N ALA E 10 6.56 19.83 -15.13
CA ALA E 10 5.98 19.56 -16.43
C ALA E 10 4.59 18.97 -16.20
N SER E 11 3.63 19.40 -17.02
CA SER E 11 2.26 18.93 -16.86
C SER E 11 1.70 18.57 -18.23
N GLY E 12 0.67 17.71 -18.22
CA GLY E 12 0.02 17.26 -19.43
C GLY E 12 -1.34 16.63 -19.19
N ALA E 13 -2.23 16.71 -20.18
CA ALA E 13 -3.56 16.15 -20.04
C ALA E 13 -3.50 14.63 -20.11
N PRO E 14 -4.50 13.94 -19.55
CA PRO E 14 -4.54 12.48 -19.63
C PRO E 14 -4.67 12.00 -21.07
N GLY E 15 -3.90 10.97 -21.41
CA GLY E 15 -3.92 10.41 -22.75
C GLY E 15 -3.13 11.18 -23.78
N GLN E 16 -2.50 12.29 -23.40
CA GLN E 16 -1.75 13.12 -24.33
C GLN E 16 -0.25 12.95 -24.09
N SER E 17 0.54 13.90 -24.59
CA SER E 17 1.99 13.81 -24.56
C SER E 17 2.59 14.95 -23.76
N VAL E 18 3.83 14.76 -23.34
CA VAL E 18 4.61 15.77 -22.65
C VAL E 18 6.09 15.50 -22.89
N THR E 19 6.87 16.56 -23.03
CA THR E 19 8.30 16.47 -23.29
C THR E 19 9.07 17.09 -22.14
N ILE E 20 10.07 16.36 -21.65
CA ILE E 20 10.97 16.84 -20.61
C ILE E 20 12.33 17.06 -21.25
N SER E 21 12.85 18.28 -21.15
CA SER E 21 14.11 18.64 -21.77
C SER E 21 15.25 18.49 -20.78
N CYS E 22 16.45 18.22 -21.32
CA CYS E 22 17.67 18.11 -20.52
C CYS E 22 18.80 18.71 -21.35
N SER E 23 19.32 19.86 -20.91
CA SER E 23 20.34 20.58 -21.65
C SER E 23 21.60 20.69 -20.82
N GLY E 24 22.75 20.53 -21.48
CA GLY E 24 24.03 20.64 -20.81
C GLY E 24 25.06 21.36 -21.64
N SER E 25 26.20 20.72 -21.87
CA SER E 25 27.27 21.31 -22.66
C SER E 25 27.78 20.33 -23.70
N SER E 26 28.89 20.67 -24.36
CA SER E 26 29.45 19.81 -25.39
C SER E 26 30.22 18.62 -24.81
N SER E 27 30.56 18.67 -23.52
CA SER E 27 31.35 17.61 -22.90
C SER E 27 30.51 16.47 -22.34
N ASN E 28 29.19 16.62 -22.30
CA ASN E 28 28.35 15.55 -21.76
C ASN E 28 27.40 14.98 -22.82
N ILE E 29 26.29 15.67 -23.07
CA ILE E 29 25.28 15.17 -24.00
C ILE E 29 25.83 15.10 -25.42
N GLY E 30 26.68 16.05 -25.79
CA GLY E 30 27.18 16.11 -27.15
C GLY E 30 28.04 14.92 -27.55
N SER E 31 28.72 14.31 -26.57
CA SER E 31 29.67 13.26 -26.88
C SER E 31 29.45 11.96 -26.10
N ASN E 32 28.39 11.86 -25.30
CA ASN E 32 28.16 10.65 -24.51
C ASN E 32 26.68 10.30 -24.56
N TYR E 33 26.40 9.04 -24.21
CA TYR E 33 25.01 8.58 -24.12
C TYR E 33 24.28 9.32 -23.01
N VAL E 34 22.97 9.44 -23.17
CA VAL E 34 22.11 9.99 -22.13
C VAL E 34 21.20 8.89 -21.61
N TYR E 35 20.87 8.96 -20.32
CA TYR E 35 20.01 7.99 -19.68
C TYR E 35 18.90 8.71 -18.94
N TRP E 36 17.73 8.08 -18.93
CA TRP E 36 16.53 8.64 -18.31
C TRP E 36 16.04 7.69 -17.23
N TYR E 37 15.81 8.24 -16.03
CA TYR E 37 15.36 7.48 -14.88
C TYR E 37 14.04 8.05 -14.38
N GLN E 38 13.14 7.17 -13.97
CA GLN E 38 11.85 7.54 -13.38
C GLN E 38 11.83 7.14 -11.91
N GLN E 39 11.35 8.04 -11.06
CA GLN E 39 11.29 7.81 -9.63
C GLN E 39 9.92 8.22 -9.11
N LEU E 40 9.15 7.23 -8.66
CA LEU E 40 7.89 7.48 -7.98
C LEU E 40 8.16 7.82 -6.51
N SER E 41 7.17 8.46 -5.88
CA SER E 41 7.33 8.92 -4.51
C SER E 41 7.65 7.74 -3.59
N GLY E 42 8.69 7.92 -2.77
CA GLY E 42 9.09 6.89 -1.83
C GLY E 42 9.72 5.66 -2.44
N LYS E 43 10.10 5.71 -3.71
CA LYS E 43 10.67 4.57 -4.41
C LYS E 43 12.08 4.90 -4.89
N ALA E 44 12.84 3.85 -5.18
CA ALA E 44 14.13 4.03 -5.82
C ALA E 44 13.92 4.35 -7.30
N PRO E 45 14.87 5.06 -7.92
CA PRO E 45 14.75 5.34 -9.36
C PRO E 45 14.71 4.04 -10.18
N LYS E 46 14.16 4.17 -11.39
CA LYS E 46 14.03 3.05 -12.31
C LYS E 46 14.58 3.46 -13.66
N LEU E 47 15.45 2.63 -14.23
CA LEU E 47 16.00 2.90 -15.55
C LEU E 47 14.90 2.92 -16.59
N LEU E 48 14.65 4.09 -17.18
CA LEU E 48 13.56 4.27 -18.13
C LEU E 48 14.04 4.29 -19.58
N ILE E 49 15.19 4.89 -19.85
CA ILE E 49 15.73 4.98 -21.21
C ILE E 49 17.25 4.91 -21.13
N TYR E 50 17.87 4.08 -21.97
CA TYR E 50 19.32 4.01 -22.05
C TYR E 50 19.76 4.20 -23.49
N ASN E 51 21.02 4.59 -23.66
CA ASN E 51 21.62 4.82 -24.98
C ASN E 51 20.77 5.78 -25.81
N ASN E 52 20.50 6.94 -25.23
CA ASN E 52 19.77 8.03 -25.90
C ASN E 52 18.31 7.68 -26.21
N ASN E 53 18.08 6.55 -26.88
CA ASN E 53 16.73 6.24 -27.35
C ASN E 53 16.29 4.80 -27.13
N GLN E 54 17.09 3.97 -26.47
CA GLN E 54 16.74 2.56 -26.30
C GLN E 54 15.94 2.37 -25.01
N ARG E 55 14.93 1.48 -25.09
CA ARG E 55 14.07 1.20 -23.95
C ARG E 55 14.45 -0.12 -23.31
N PRO E 56 14.64 -0.16 -21.98
CA PRO E 56 14.86 -1.44 -21.31
C PRO E 56 13.63 -2.33 -21.40
N SER E 57 13.82 -3.60 -21.04
CA SER E 57 12.75 -4.58 -21.11
C SER E 57 11.62 -4.21 -20.15
N GLY E 58 10.42 -4.04 -20.69
CA GLY E 58 9.24 -3.72 -19.91
C GLY E 58 8.76 -2.29 -20.05
N VAL E 59 9.60 -1.39 -20.56
CA VAL E 59 9.22 0.01 -20.74
C VAL E 59 8.44 0.13 -22.04
N PRO E 60 7.20 0.62 -22.00
CA PRO E 60 6.40 0.71 -23.23
C PRO E 60 6.96 1.75 -24.19
N ASP E 61 6.52 1.67 -25.45
CA ASP E 61 7.03 2.56 -26.49
C ASP E 61 6.54 3.99 -26.33
N ARG E 62 5.53 4.23 -25.49
CA ARG E 62 5.08 5.59 -25.26
C ARG E 62 6.12 6.43 -24.52
N PHE E 63 7.17 5.81 -24.01
CA PHE E 63 8.33 6.52 -23.47
C PHE E 63 9.43 6.49 -24.52
N SER E 64 9.75 7.65 -25.08
CA SER E 64 10.76 7.74 -26.12
C SER E 64 11.83 8.74 -25.72
N GLY E 65 13.04 8.51 -26.21
CA GLY E 65 14.16 9.39 -25.95
C GLY E 65 14.77 9.88 -27.24
N SER E 66 15.26 11.12 -27.23
CA SER E 66 15.91 11.71 -28.39
C SER E 66 17.06 12.58 -27.93
N LYS E 67 18.07 12.70 -28.79
CA LYS E 67 19.24 13.51 -28.51
C LYS E 67 19.62 14.31 -29.74
N SER E 68 20.04 15.55 -29.53
CA SER E 68 20.47 16.42 -30.63
C SER E 68 21.48 17.41 -30.08
N GLY E 69 22.71 17.34 -30.59
CA GLY E 69 23.75 18.25 -30.15
C GLY E 69 23.98 18.12 -28.66
N THR E 70 23.84 19.23 -27.95
CA THR E 70 23.99 19.27 -26.49
C THR E 70 22.65 19.29 -25.76
N SER E 71 21.62 18.68 -26.35
CA SER E 71 20.30 18.64 -25.74
C SER E 71 19.70 17.25 -25.88
N ALA E 72 18.82 16.91 -24.96
CA ALA E 72 18.11 15.64 -24.99
C ALA E 72 16.67 15.87 -24.56
N SER E 73 15.79 14.98 -25.00
CA SER E 73 14.36 15.10 -24.72
C SER E 73 13.77 13.73 -24.42
N LEU E 74 12.93 13.68 -23.41
CA LEU E 74 12.15 12.49 -23.05
C LEU E 74 10.69 12.79 -23.32
N ALA E 75 10.09 12.05 -24.26
CA ALA E 75 8.70 12.24 -24.62
C ALA E 75 7.86 11.11 -24.02
N ILE E 76 6.72 11.47 -23.44
CA ILE E 76 5.78 10.50 -22.88
C ILE E 76 4.43 10.75 -23.52
N SER E 77 3.89 9.73 -24.18
CA SER E 77 2.57 9.79 -24.80
C SER E 77 1.61 8.88 -24.06
N GLY E 78 0.33 9.05 -24.34
CA GLY E 78 -0.71 8.30 -23.67
C GLY E 78 -0.64 8.47 -22.16
N LEU E 79 -0.70 9.72 -21.71
CA LEU E 79 -0.45 10.04 -20.31
C LEU E 79 -1.44 9.33 -19.40
N GLN E 80 -0.91 8.54 -18.47
CA GLN E 80 -1.69 7.90 -17.42
C GLN E 80 -1.35 8.54 -16.09
N SER E 81 -2.29 8.42 -15.14
CA SER E 81 -2.10 9.02 -13.82
C SER E 81 -0.90 8.38 -13.10
N LYS E 82 -0.57 7.14 -13.44
CA LYS E 82 0.57 6.47 -12.83
C LYS E 82 1.91 7.05 -13.26
N ASP E 83 1.93 7.87 -14.31
CA ASP E 83 3.18 8.45 -14.80
C ASP E 83 3.65 9.63 -13.94
N GLU E 84 2.83 10.09 -13.00
CA GLU E 84 3.23 11.20 -12.14
C GLU E 84 4.42 10.83 -11.29
N ALA E 85 5.60 11.33 -11.64
CA ALA E 85 6.83 10.96 -10.96
C ALA E 85 7.88 12.04 -11.22
N ASP E 86 9.07 11.81 -10.70
CA ASP E 86 10.23 12.66 -10.99
C ASP E 86 11.07 11.98 -12.06
N TYR E 87 11.48 12.75 -13.06
CA TYR E 87 12.23 12.21 -14.19
C TYR E 87 13.60 12.89 -14.23
N TYR E 88 14.65 12.08 -14.21
CA TYR E 88 16.02 12.57 -14.18
C TYR E 88 16.76 12.15 -15.44
N CYS E 89 17.54 13.07 -16.00
CA CYS E 89 18.50 12.74 -17.04
C CYS E 89 19.89 12.59 -16.44
N SER E 90 20.71 11.79 -17.11
CA SER E 90 22.04 11.49 -16.62
C SER E 90 22.97 11.31 -17.81
N ALA E 91 24.21 11.77 -17.65
CA ALA E 91 25.18 11.68 -18.73
C ALA E 91 26.59 11.80 -18.17
N TRP E 92 27.53 11.10 -18.79
CA TRP E 92 28.92 11.22 -18.41
C TRP E 92 29.51 12.51 -19.00
N ASP E 93 30.40 13.14 -18.23
CA ASP E 93 31.09 14.35 -18.68
C ASP E 93 32.55 14.02 -18.92
N SER E 94 33.00 14.17 -20.17
CA SER E 94 34.37 13.84 -20.51
C SER E 94 35.37 14.85 -19.97
N SER E 95 34.92 16.07 -19.63
CA SER E 95 35.82 17.08 -19.12
C SER E 95 35.97 17.02 -17.61
N LEU E 96 34.88 16.75 -16.89
CA LEU E 96 34.92 16.67 -15.43
C LEU E 96 35.18 15.25 -14.93
N ASN E 97 35.20 14.25 -15.83
CA ASN E 97 35.49 12.86 -15.47
C ASN E 97 34.48 12.32 -14.48
N ASP E 98 33.24 12.80 -14.52
CA ASP E 98 32.21 12.45 -13.56
C ASP E 98 30.90 12.18 -14.26
N PRO E 99 30.04 11.35 -13.68
CA PRO E 99 28.66 11.27 -14.16
C PRO E 99 27.80 12.35 -13.54
N LEU E 100 26.92 12.93 -14.36
CA LEU E 100 26.10 14.06 -13.97
C LEU E 100 24.62 13.68 -14.04
N PHE E 101 23.85 14.20 -13.09
CA PHE E 101 22.40 14.04 -13.05
C PHE E 101 21.74 15.39 -13.25
N GLY E 102 20.60 15.38 -13.92
CA GLY E 102 19.79 16.57 -14.00
C GLY E 102 19.15 16.90 -12.66
N GLY E 103 18.64 18.13 -12.57
CA GLY E 103 17.94 18.56 -11.37
C GLY E 103 16.67 17.79 -11.09
N GLY E 104 16.03 17.24 -12.11
CA GLY E 104 14.80 16.51 -11.94
C GLY E 104 13.60 17.32 -12.41
N THR E 105 12.60 16.60 -12.92
CA THR E 105 11.37 17.23 -13.41
C THR E 105 10.18 16.50 -12.79
N ARG E 106 9.35 17.25 -12.07
CA ARG E 106 8.15 16.72 -11.44
C ARG E 106 7.01 16.74 -12.45
N LEU E 107 6.51 15.56 -12.82
CA LEU E 107 5.44 15.44 -13.80
C LEU E 107 4.09 15.42 -13.10
N THR E 108 3.19 16.30 -13.51
CA THR E 108 1.84 16.36 -12.98
C THR E 108 0.85 16.05 -14.11
N VAL E 109 -0.06 15.12 -13.86
CA VAL E 109 -1.10 14.77 -14.82
C VAL E 109 -2.39 15.43 -14.35
N LEU E 110 -2.87 16.39 -15.13
CA LEU E 110 -4.07 17.13 -14.77
C LEU E 110 -5.30 16.24 -14.95
N GLY E 111 -6.46 16.77 -14.54
CA GLY E 111 -7.73 16.11 -14.78
C GLY E 111 -8.35 15.44 -13.57
N GLN E 112 -7.59 15.21 -12.50
CA GLN E 112 -8.17 14.56 -11.34
C GLN E 112 -9.18 15.50 -10.68
N PRO E 113 -10.35 15.00 -10.29
CA PRO E 113 -11.39 15.88 -9.74
C PRO E 113 -10.94 16.51 -8.43
N LYS E 114 -11.48 17.70 -8.16
CA LYS E 114 -11.14 18.42 -6.96
C LYS E 114 -11.90 17.87 -5.77
N ALA E 115 -11.27 17.92 -4.60
CA ALA E 115 -11.86 17.41 -3.37
C ALA E 115 -11.62 18.41 -2.25
N ALA E 116 -12.67 18.69 -1.48
CA ALA E 116 -12.56 19.59 -0.35
C ALA E 116 -11.83 18.91 0.81
N PRO E 117 -11.06 19.66 1.59
CA PRO E 117 -10.31 19.04 2.69
C PRO E 117 -11.18 18.69 3.88
N SER E 118 -10.92 17.52 4.45
CA SER E 118 -11.50 17.13 5.72
C SER E 118 -10.55 17.58 6.83
N VAL E 119 -11.10 18.23 7.86
CA VAL E 119 -10.30 18.84 8.92
C VAL E 119 -10.75 18.27 10.26
N THR E 120 -9.78 17.87 11.07
CA THR E 120 -10.02 17.42 12.43
C THR E 120 -9.11 18.21 13.36
N LEU E 121 -9.69 18.87 14.35
CA LEU E 121 -8.94 19.70 15.29
C LEU E 121 -8.97 19.07 16.68
N PHE E 122 -7.80 18.91 17.27
CA PHE E 122 -7.62 18.25 18.55
C PHE E 122 -7.07 19.24 19.57
N PRO E 123 -7.71 19.36 20.72
CA PRO E 123 -7.17 20.16 21.82
C PRO E 123 -6.03 19.44 22.50
N PRO E 124 -5.31 20.10 23.40
CA PRO E 124 -4.24 19.40 24.12
C PRO E 124 -4.80 18.39 25.11
N SER E 125 -4.08 17.29 25.27
CA SER E 125 -4.44 16.31 26.29
C SER E 125 -4.12 16.87 27.67
N SER E 126 -4.81 16.34 28.67
CA SER E 126 -4.50 16.73 30.05
C SER E 126 -3.10 16.28 30.45
N GLU E 127 -2.61 15.19 29.85
CA GLU E 127 -1.25 14.73 30.12
C GLU E 127 -0.23 15.79 29.72
N GLU E 128 -0.38 16.37 28.54
CA GLU E 128 0.53 17.44 28.11
C GLU E 128 0.36 18.68 28.98
N LEU E 129 -0.88 18.99 29.38
CA LEU E 129 -1.11 20.13 30.25
C LEU E 129 -0.43 19.95 31.60
N GLN E 130 -0.30 18.70 32.06
CA GLN E 130 0.41 18.46 33.32
C GLN E 130 1.88 18.83 33.21
N ALA E 131 2.44 18.77 32.01
CA ALA E 131 3.80 19.23 31.75
C ALA E 131 3.86 20.70 31.36
N ASN E 132 2.76 21.44 31.56
CA ASN E 132 2.66 22.87 31.29
C ASN E 132 2.84 23.22 29.82
N LYS E 133 2.63 22.26 28.92
CA LYS E 133 2.64 22.50 27.49
C LYS E 133 1.27 22.19 26.90
N ALA E 134 1.02 22.69 25.70
CA ALA E 134 -0.28 22.49 25.06
C ALA E 134 -0.11 22.57 23.56
N THR E 135 -0.35 21.46 22.86
CA THR E 135 -0.22 21.39 21.41
C THR E 135 -1.59 21.16 20.79
N LEU E 136 -2.05 22.13 20.01
CA LEU E 136 -3.25 21.99 19.20
C LEU E 136 -2.89 21.32 17.89
N VAL E 137 -3.66 20.29 17.52
CA VAL E 137 -3.33 19.47 16.35
C VAL E 137 -4.43 19.62 15.32
N CYS E 138 -4.08 20.15 14.15
CA CYS E 138 -5.02 20.31 13.04
C CYS E 138 -4.59 19.37 11.91
N LEU E 139 -5.44 18.39 11.61
CA LEU E 139 -5.14 17.40 10.59
C LEU E 139 -6.07 17.61 9.40
N ILE E 140 -5.49 17.76 8.20
CA ILE E 140 -6.20 18.05 6.97
C ILE E 140 -5.91 16.93 5.99
N SER E 141 -6.96 16.42 5.34
CA SER E 141 -6.77 15.23 4.52
C SER E 141 -7.77 15.20 3.38
N ASP E 142 -7.44 14.39 2.37
CA ASP E 142 -8.37 14.04 1.30
C ASP E 142 -8.77 15.26 0.47
N PHE E 143 -7.80 16.13 0.20
CA PHE E 143 -8.04 17.28 -0.67
C PHE E 143 -7.21 17.17 -1.93
N TYR E 144 -7.74 17.74 -3.01
CA TYR E 144 -7.06 17.82 -4.30
C TYR E 144 -7.55 19.10 -4.97
N PRO E 145 -6.64 19.90 -5.55
CA PRO E 145 -5.18 19.74 -5.63
C PRO E 145 -4.49 19.91 -4.29
N GLY E 146 -3.16 19.81 -4.24
CA GLY E 146 -2.45 19.78 -2.98
C GLY E 146 -1.89 21.10 -2.51
N ALA E 147 -2.65 22.18 -2.66
CA ALA E 147 -2.24 23.49 -2.17
C ALA E 147 -3.26 23.96 -1.14
N VAL E 148 -2.79 24.25 0.08
CA VAL E 148 -3.64 24.74 1.15
C VAL E 148 -2.92 25.86 1.89
N GLU E 149 -3.71 26.67 2.58
CA GLU E 149 -3.21 27.71 3.47
C GLU E 149 -3.83 27.51 4.84
N VAL E 150 -3.01 27.40 5.87
CA VAL E 150 -3.49 27.16 7.23
C VAL E 150 -3.24 28.40 8.07
N ALA E 151 -4.28 28.86 8.78
CA ALA E 151 -4.19 30.02 9.65
C ALA E 151 -4.85 29.69 10.99
N TRP E 152 -4.23 30.13 12.07
CA TRP E 152 -4.72 29.86 13.41
C TRP E 152 -5.30 31.13 14.01
N LYS E 153 -6.41 30.99 14.73
CA LYS E 153 -7.09 32.10 15.37
C LYS E 153 -7.32 31.77 16.85
N ALA E 154 -7.26 32.81 17.67
CA ALA E 154 -7.60 32.73 19.09
C ALA E 154 -8.63 33.81 19.37
N ASP E 155 -9.85 33.39 19.73
CA ASP E 155 -10.95 34.31 20.06
C ASP E 155 -11.20 35.31 18.93
N GLY E 156 -10.90 34.90 17.70
CA GLY E 156 -11.11 35.73 16.53
C GLY E 156 -9.86 36.42 16.01
N SER E 157 -8.83 36.55 16.82
CA SER E 157 -7.62 37.25 16.41
C SER E 157 -6.62 36.28 15.80
N ALA E 158 -5.76 36.79 14.93
CA ALA E 158 -4.76 35.95 14.27
C ALA E 158 -3.70 35.50 15.26
N VAL E 159 -3.12 34.34 15.01
CA VAL E 159 -2.04 33.78 15.83
C VAL E 159 -0.84 33.57 14.92
N ASN E 160 0.21 34.37 15.14
CA ASN E 160 1.44 34.29 14.35
C ASN E 160 2.62 34.10 15.30
N ALA E 161 2.69 32.91 15.90
CA ALA E 161 3.74 32.62 16.88
C ALA E 161 4.21 31.18 16.79
N GLY E 162 3.57 30.28 17.52
CA GLY E 162 4.02 28.90 17.58
C GLY E 162 3.31 27.97 16.62
N VAL E 163 3.25 28.37 15.35
CA VAL E 163 2.58 27.59 14.31
C VAL E 163 3.63 26.88 13.47
N GLU E 164 3.48 25.56 13.32
CA GLU E 164 4.34 24.77 12.44
C GLU E 164 3.44 23.94 11.53
N THR E 165 3.55 24.16 10.23
CA THR E 165 2.68 23.50 9.25
C THR E 165 3.51 22.68 8.29
N THR E 166 3.10 21.42 8.10
CA THR E 166 3.76 20.57 7.12
C THR E 166 3.41 21.01 5.70
N LYS E 167 4.28 20.69 4.78
CA LYS E 167 3.79 20.92 3.44
C LYS E 167 3.09 19.67 2.93
N PRO E 168 2.12 19.82 2.02
CA PRO E 168 1.26 18.67 1.65
C PRO E 168 2.05 17.53 1.01
N SER E 169 1.47 16.33 1.11
CA SER E 169 2.05 15.14 0.52
C SER E 169 0.94 14.20 0.08
N LYS E 170 1.22 13.43 -0.97
CA LYS E 170 0.22 12.59 -1.60
C LYS E 170 -0.07 11.35 -0.75
N GLN E 171 -1.35 11.10 -0.48
CA GLN E 171 -1.76 9.90 0.23
C GLN E 171 -1.80 8.72 -0.74
N SER E 172 -2.33 7.58 -0.28
CA SER E 172 -2.47 6.40 -1.12
C SER E 172 -3.61 6.50 -2.11
N ASN E 173 -4.62 7.31 -1.83
CA ASN E 173 -5.77 7.48 -2.71
C ASN E 173 -5.62 8.66 -3.67
N ASN E 174 -4.37 9.06 -3.96
CA ASN E 174 -4.02 10.14 -4.88
C ASN E 174 -4.50 11.51 -4.42
N LYS E 175 -5.04 11.61 -3.21
CA LYS E 175 -5.35 12.90 -2.61
C LYS E 175 -4.22 13.30 -1.66
N TYR E 176 -4.32 14.51 -1.11
CA TYR E 176 -3.24 15.10 -0.34
C TYR E 176 -3.61 15.20 1.14
N ALA E 177 -2.57 15.24 1.97
CA ALA E 177 -2.72 15.39 3.41
C ALA E 177 -1.71 16.41 3.93
N ALA E 178 -2.02 17.00 5.08
CA ALA E 178 -1.16 17.97 5.73
C ALA E 178 -1.56 18.08 7.19
N SER E 179 -0.67 18.65 7.99
CA SER E 179 -0.94 18.87 9.41
C SER E 179 -0.35 20.20 9.85
N SER E 180 -1.00 20.81 10.82
CA SER E 180 -0.55 22.06 11.43
C SER E 180 -0.59 21.90 12.95
N TYR E 181 0.40 22.46 13.62
CA TYR E 181 0.54 22.33 15.06
C TYR E 181 0.69 23.72 15.67
N LEU E 182 -0.09 23.98 16.72
CA LEU E 182 0.01 25.23 17.47
C LEU E 182 0.53 24.90 18.86
N SER E 183 1.77 25.32 19.14
CA SER E 183 2.41 25.05 20.41
C SER E 183 2.26 26.26 21.33
N LEU E 184 1.67 26.05 22.50
CA LEU E 184 1.47 27.09 23.49
C LEU E 184 1.85 26.56 24.86
N THR E 185 2.00 27.48 25.81
CA THR E 185 2.09 27.07 27.19
C THR E 185 0.70 26.70 27.71
N SER E 186 0.68 26.03 28.87
CA SER E 186 -0.59 25.68 29.48
C SER E 186 -1.41 26.95 29.78
N ASP E 187 -0.74 27.98 30.31
CA ASP E 187 -1.41 29.24 30.62
C ASP E 187 -2.04 29.85 29.37
N GLN E 188 -1.30 29.86 28.26
CA GLN E 188 -1.85 30.39 27.01
C GLN E 188 -3.11 29.64 26.61
N TRP E 189 -3.11 28.31 26.79
CA TRP E 189 -4.26 27.51 26.36
C TRP E 189 -5.48 27.79 27.22
N LYS E 190 -5.34 27.67 28.55
CA LYS E 190 -6.50 27.97 29.40
C LYS E 190 -6.91 29.43 29.33
N SER E 191 -6.02 30.31 28.84
CA SER E 191 -6.28 31.73 28.76
C SER E 191 -7.45 32.04 27.83
N HIS E 192 -7.22 31.93 26.53
CA HIS E 192 -8.23 32.30 25.54
C HIS E 192 -9.48 31.43 25.68
N LYS E 193 -10.59 31.92 25.14
CA LYS E 193 -11.86 31.22 25.22
C LYS E 193 -12.06 30.20 24.11
N SER E 194 -11.40 30.38 22.97
CA SER E 194 -11.54 29.44 21.86
C SER E 194 -10.35 29.59 20.91
N TYR E 195 -10.04 28.50 20.23
CA TYR E 195 -9.02 28.47 19.19
C TYR E 195 -9.62 27.85 17.93
N SER E 196 -9.09 28.24 16.78
CA SER E 196 -9.66 27.83 15.50
C SER E 196 -8.56 27.58 14.48
N CYS E 197 -8.70 26.48 13.75
CA CYS E 197 -7.87 26.16 12.61
C CYS E 197 -8.65 26.45 11.33
N GLN E 198 -8.06 27.26 10.44
CA GLN E 198 -8.70 27.69 9.20
C GLN E 198 -7.88 27.18 8.03
N VAL E 199 -8.52 26.42 7.15
CA VAL E 199 -7.86 25.80 6.01
C VAL E 199 -8.50 26.36 4.74
N THR E 200 -7.69 27.05 3.94
CA THR E 200 -8.12 27.58 2.65
C THR E 200 -7.60 26.65 1.56
N HIS E 201 -8.52 26.18 0.73
CA HIS E 201 -8.22 25.27 -0.37
C HIS E 201 -9.00 25.75 -1.59
N GLU E 202 -8.29 26.00 -2.68
CA GLU E 202 -8.88 26.55 -3.90
C GLU E 202 -9.70 27.81 -3.62
N GLY E 203 -9.21 28.61 -2.66
CA GLY E 203 -9.87 29.85 -2.29
C GLY E 203 -11.01 29.72 -1.30
N SER E 204 -11.46 28.50 -0.99
CA SER E 204 -12.56 28.29 -0.07
C SER E 204 -12.03 27.92 1.31
N THR E 205 -12.58 28.55 2.35
CA THR E 205 -12.07 28.40 3.71
C THR E 205 -13.03 27.57 4.55
N VAL E 206 -12.48 26.53 5.19
CA VAL E 206 -13.20 25.73 6.19
C VAL E 206 -12.53 26.00 7.54
N GLU E 207 -13.32 25.89 8.61
CA GLU E 207 -12.82 26.24 9.93
C GLU E 207 -13.29 25.21 10.95
N LYS E 208 -12.40 24.85 11.87
CA LYS E 208 -12.74 24.05 13.04
C LYS E 208 -12.33 24.78 14.30
N THR E 209 -13.06 24.55 15.39
CA THR E 209 -12.87 25.31 16.62
C THR E 209 -12.88 24.37 17.82
N VAL E 210 -11.96 24.61 18.75
CA VAL E 210 -11.93 23.93 20.03
C VAL E 210 -11.97 24.97 21.15
N ALA E 211 -12.63 24.62 22.25
CA ALA E 211 -12.81 25.54 23.36
C ALA E 211 -12.06 25.04 24.58
N PRO E 212 -11.15 25.84 25.16
CA PRO E 212 -10.45 25.42 26.39
C PRO E 212 -11.37 25.13 27.56
N ALA E 213 -12.67 25.36 27.41
CA ALA E 213 -13.65 25.04 28.44
C ALA E 213 -14.08 23.59 28.28
N GLU E 214 -13.90 22.80 29.33
CA GLU E 214 -14.25 21.38 29.30
C GLU E 214 -14.90 20.95 30.62
N LEU F 1 47.33 8.19 -12.83
CA LEU F 1 46.41 8.62 -11.77
C LEU F 1 44.97 8.34 -12.18
N LYS F 2 44.03 9.09 -11.61
CA LYS F 2 42.61 8.93 -11.90
C LYS F 2 42.17 9.95 -12.95
N SER F 3 42.84 9.91 -14.11
CA SER F 3 42.52 10.82 -15.20
C SER F 3 41.24 10.42 -15.92
N ASP F 4 41.03 9.12 -16.11
CA ASP F 4 39.83 8.59 -16.76
C ASP F 4 39.11 7.71 -15.76
N LYS F 5 37.92 8.15 -15.33
CA LYS F 5 37.15 7.43 -14.32
C LYS F 5 36.25 6.35 -14.93
N LYS F 6 36.55 5.90 -16.14
CA LYS F 6 35.80 4.82 -16.77
C LYS F 6 36.65 3.58 -17.03
N ILE F 7 37.93 3.60 -16.65
CA ILE F 7 38.88 2.56 -17.01
C ILE F 7 39.38 1.86 -15.75
N GLU F 8 39.45 0.53 -15.82
CA GLU F 8 39.99 -0.28 -14.74
C GLU F 8 41.50 -0.15 -14.69
N TYR F 9 42.05 0.04 -13.48
CA TYR F 9 43.50 0.14 -13.32
C TYR F 9 44.08 -1.07 -12.58
N ASN F 10 43.41 -2.22 -12.63
CA ASN F 10 43.96 -3.43 -12.04
C ASN F 10 45.13 -3.94 -12.88
N GLU F 11 46.22 -4.32 -12.22
CA GLU F 11 47.42 -4.73 -12.94
C GLU F 11 47.26 -6.11 -13.57
N THR F 12 46.48 -6.99 -12.96
CA THR F 12 46.27 -8.32 -13.52
C THR F 12 45.54 -8.27 -14.85
N TRP F 13 44.69 -7.27 -15.05
CA TRP F 13 43.90 -7.16 -16.27
C TRP F 13 44.72 -6.72 -17.47
N TYR F 14 45.93 -6.20 -17.25
CA TYR F 14 46.83 -5.77 -18.32
C TYR F 14 48.09 -6.64 -18.24
N SER F 15 48.19 -7.62 -19.11
CA SER F 15 49.35 -8.51 -19.12
C SER F 15 50.47 -7.95 -19.99
#